data_9HQI
#
_entry.id   9HQI
#
_cell.length_a   131.810
_cell.length_b   131.810
_cell.length_c   128.430
_cell.angle_alpha   90.00
_cell.angle_beta   90.00
_cell.angle_gamma   90.00
#
_symmetry.space_group_name_H-M   'P 43 21 2'
#
loop_
_entity.id
_entity.type
_entity.pdbx_description
1 polymer '(+)-T-muurolol synthase ((2E,6E)-farnesyl diphosphate cyclizing)'
2 non-polymer 'MAGNESIUM ION'
3 non-polymer '(3S,6E)-3,7,11-trimethyldodeca-6,10-dien-1-yl trihydrogen diphosphate'
4 non-polymer (R,R)-2,3-BUTANEDIOL
5 non-polymer 1,2-ETHANEDIOL
6 non-polymer GLYCEROL
7 water water
#
_entity_poly.entity_id   1
_entity_poly.type   'polypeptide(L)'
_entity_poly.pdbx_seq_one_letter_code
;SDQDYRARLVYPFSGAISPHADIVDQATLAWAAMFGLLTDSLRHKSRRLQYGLLAARAYPRADREMLQIAADWIAWLFFM
DDQCDETGIGRDLQRMIALHERFLAILDGATPEAHDCALTYALADLRRRLALRAPDNWLRRFSEHVRLYFTANRWETVNR
QRGATPNVATYCAARLFSGAVYACFDLIELAEQIELPFYARHHSIVQQLEQAANNIICWCNDVLSYPKEMQHGDRHNLVL
VIQGEHQCSLPEAIDRALDLHAREVATFVRKRTCVPYFDAAVNTALEKYVTGLQFWICANRDWSLTATRYA
;
_entity_poly.pdbx_strand_id   A,B
#
loop_
_chem_comp.id
_chem_comp.type
_chem_comp.name
_chem_comp.formula
3E9 non-polymer '(3S,6E)-3,7,11-trimethyldodeca-6,10-dien-1-yl trihydrogen diphosphate' 'C15 H30 O7 P2'
BU3 non-polymer (R,R)-2,3-BUTANEDIOL 'C4 H10 O2'
EDO non-polymer 1,2-ETHANEDIOL 'C2 H6 O2'
GOL non-polymer GLYCEROL 'C3 H8 O3'
MG non-polymer 'MAGNESIUM ION' 'Mg 2'
#
# COMPACT_ATOMS: atom_id res chain seq x y z
N ASP A 4 19.04 -7.62 33.25
CA ASP A 4 19.05 -6.51 32.26
C ASP A 4 18.49 -7.01 30.93
N TYR A 5 17.17 -7.00 30.79
CA TYR A 5 16.39 -7.49 29.62
C TYR A 5 16.74 -6.66 28.36
N ARG A 6 17.16 -5.39 28.55
CA ARG A 6 17.53 -4.46 27.44
C ARG A 6 18.71 -5.03 26.65
N ALA A 7 19.57 -5.83 27.29
CA ALA A 7 20.77 -6.46 26.66
C ALA A 7 20.36 -7.45 25.56
N ARG A 8 19.09 -7.87 25.50
CA ARG A 8 18.58 -8.87 24.52
C ARG A 8 18.12 -8.17 23.23
N LEU A 9 18.07 -6.84 23.21
CA LEU A 9 17.71 -6.05 22.00
C LEU A 9 18.95 -5.93 21.11
N VAL A 10 19.26 -7.00 20.38
CA VAL A 10 20.52 -7.18 19.60
C VAL A 10 20.17 -7.60 18.16
N TYR A 11 21.05 -7.26 17.22
CA TYR A 11 20.92 -7.55 15.76
C TYR A 11 22.25 -8.10 15.24
N PRO A 12 22.25 -8.96 14.20
CA PRO A 12 23.50 -9.50 13.65
C PRO A 12 24.16 -8.54 12.65
N PHE A 13 23.80 -7.26 12.68
CA PHE A 13 24.35 -6.18 11.82
C PHE A 13 24.48 -4.91 12.67
N SER A 14 25.29 -3.96 12.20
CA SER A 14 25.60 -2.67 12.88
C SER A 14 25.06 -1.50 12.06
N GLY A 15 24.87 -0.36 12.71
CA GLY A 15 24.39 0.89 12.07
C GLY A 15 25.54 1.82 11.73
N ALA A 16 25.21 3.09 11.52
CA ALA A 16 26.16 4.19 11.28
C ALA A 16 25.46 5.50 11.60
N ILE A 17 26.22 6.59 11.73
CA ILE A 17 25.67 7.95 12.02
C ILE A 17 26.27 8.93 11.01
N SER A 18 25.46 9.85 10.50
CA SER A 18 25.89 10.97 9.62
C SER A 18 26.91 11.84 10.36
N PRO A 19 27.98 12.32 9.70
CA PRO A 19 28.94 13.22 10.34
C PRO A 19 28.34 14.58 10.72
N HIS A 20 27.16 14.90 10.16
CA HIS A 20 26.41 16.17 10.34
C HIS A 20 25.55 16.15 11.61
N ALA A 21 25.57 15.05 12.39
CA ALA A 21 24.62 14.75 13.50
C ALA A 21 24.33 16.00 14.35
N ASP A 22 25.35 16.64 14.93
CA ASP A 22 25.16 17.71 15.95
C ASP A 22 24.67 19.01 15.30
N ILE A 23 25.21 19.37 14.13
CA ILE A 23 24.75 20.53 13.32
C ILE A 23 23.25 20.38 13.05
N VAL A 24 22.81 19.18 12.65
CA VAL A 24 21.41 18.87 12.29
C VAL A 24 20.53 18.95 13.54
N ASP A 25 21.00 18.43 14.67
CA ASP A 25 20.25 18.43 15.95
C ASP A 25 20.01 19.88 16.41
N GLN A 26 21.02 20.74 16.30
CA GLN A 26 20.91 22.17 16.72
C GLN A 26 19.91 22.87 15.81
N ALA A 27 19.93 22.56 14.51
CA ALA A 27 19.01 23.12 13.48
C ALA A 27 17.58 22.66 13.75
N THR A 28 17.39 21.44 14.26
CA THR A 28 16.05 20.90 14.63
C THR A 28 15.48 21.69 15.81
N LEU A 29 16.30 21.99 16.82
CA LEU A 29 15.89 22.82 17.98
C LEU A 29 15.51 24.23 17.49
N ALA A 30 16.29 24.82 16.59
CA ALA A 30 16.04 26.17 16.02
C ALA A 30 14.73 26.14 15.21
N TRP A 31 14.47 25.04 14.49
CA TRP A 31 13.24 24.85 13.68
C TRP A 31 12.01 24.77 14.60
N ALA A 32 12.11 23.97 15.67
CA ALA A 32 11.07 23.83 16.72
C ALA A 32 10.73 25.21 17.30
N ALA A 33 11.74 26.01 17.64
CA ALA A 33 11.59 27.38 18.20
C ALA A 33 10.88 28.27 17.18
N MET A 34 11.32 28.23 15.92
CA MET A 34 10.80 29.02 14.78
C MET A 34 9.28 28.78 14.62
N PHE A 35 8.82 27.53 14.73
CA PHE A 35 7.41 27.15 14.46
C PHE A 35 6.61 27.06 15.77
N GLY A 36 7.25 27.34 16.91
CA GLY A 36 6.61 27.46 18.24
C GLY A 36 6.16 26.10 18.77
N LEU A 37 6.99 25.07 18.62
CA LEU A 37 6.67 23.68 19.06
C LEU A 37 7.27 23.40 20.45
N LEU A 38 8.17 24.25 20.94
CA LEU A 38 8.82 24.11 22.27
C LEU A 38 7.91 24.73 23.34
N THR A 39 7.27 23.88 24.16
CA THR A 39 6.35 24.28 25.25
C THR A 39 7.17 24.54 26.51
N ASP A 40 6.53 25.05 27.57
CA ASP A 40 7.18 25.57 28.80
C ASP A 40 8.10 24.50 29.42
N SER A 41 7.60 23.27 29.55
CA SER A 41 8.32 22.11 30.18
C SER A 41 9.67 21.91 29.48
N ARG A 43 13.03 23.95 28.39
CA ARG A 43 13.97 25.09 28.19
C ARG A 43 15.41 24.58 28.22
N HIS A 44 15.82 24.03 29.35
CA HIS A 44 17.14 23.38 29.58
C HIS A 44 17.02 21.90 29.20
N LYS A 45 15.79 21.37 29.28
CA LYS A 45 15.41 19.98 28.94
C LYS A 45 15.44 19.80 27.43
N SER A 46 15.17 20.87 26.67
CA SER A 46 15.12 20.90 25.19
C SER A 46 16.49 20.52 24.61
N ARG A 47 17.57 20.88 25.31
CA ARG A 47 18.98 20.60 24.92
C ARG A 47 19.20 19.08 24.78
N ARG A 48 18.43 18.26 25.52
CA ARG A 48 18.61 16.78 25.60
C ARG A 48 17.45 16.03 24.92
N LEU A 49 16.68 16.68 24.05
CA LEU A 49 15.66 16.01 23.17
C LEU A 49 16.39 15.12 22.17
N GLN A 50 17.37 15.68 21.46
CA GLN A 50 18.36 14.96 20.60
C GLN A 50 17.65 14.26 19.43
N TYR A 51 16.56 14.82 18.91
CA TYR A 51 15.76 14.25 17.80
C TYR A 51 16.63 14.14 16.54
N GLY A 52 17.50 15.12 16.30
CA GLY A 52 18.45 15.12 15.17
C GLY A 52 19.45 13.97 15.23
N LEU A 53 19.79 13.49 16.43
CA LEU A 53 20.77 12.39 16.61
C LEU A 53 20.12 11.04 16.27
N LEU A 54 18.78 10.97 16.29
CA LEU A 54 18.07 9.75 15.84
C LEU A 54 18.09 9.78 14.31
N ALA A 55 17.66 10.89 13.71
CA ALA A 55 17.65 11.11 12.24
C ALA A 55 19.03 10.82 11.65
N ALA A 56 20.09 11.34 12.30
CA ALA A 56 21.50 11.19 11.87
C ALA A 56 21.86 9.70 11.75
N ARG A 57 21.32 8.86 12.63
CA ARG A 57 21.57 7.39 12.65
C ARG A 57 20.66 6.69 11.62
N ALA A 58 19.43 7.18 11.44
CA ALA A 58 18.42 6.55 10.56
C ALA A 58 18.80 6.74 9.08
N TYR A 59 19.38 7.89 8.73
CA TYR A 59 19.77 8.24 7.34
C TYR A 59 21.23 8.67 7.32
N PRO A 60 22.18 7.75 7.62
CA PRO A 60 23.58 8.13 7.86
C PRO A 60 24.36 8.62 6.64
N ARG A 61 23.92 8.31 5.42
CA ARG A 61 24.60 8.72 4.16
C ARG A 61 23.90 9.90 3.47
N ALA A 62 22.82 10.44 4.04
CA ALA A 62 22.02 11.54 3.44
C ALA A 62 22.86 12.83 3.35
N ASP A 63 22.63 13.64 2.31
CA ASP A 63 23.12 15.04 2.24
C ASP A 63 22.48 15.82 3.39
N ARG A 64 23.14 16.86 3.88
CA ARG A 64 22.73 17.59 5.11
C ARG A 64 21.32 18.17 4.95
N GLU A 65 20.99 18.73 3.77
CA GLU A 65 19.68 19.37 3.49
C GLU A 65 18.57 18.32 3.66
N MET A 66 18.74 17.14 3.06
CA MET A 66 17.76 16.03 3.13
C MET A 66 17.69 15.50 4.57
N LEU A 67 18.84 15.29 5.21
CA LEU A 67 18.90 14.83 6.62
C LEU A 67 18.14 15.82 7.51
N GLN A 68 18.23 17.12 7.23
CA GLN A 68 17.59 18.17 8.06
C GLN A 68 16.06 18.05 7.97
N ILE A 69 15.51 17.75 6.79
CA ILE A 69 14.05 17.52 6.59
C ILE A 69 13.65 16.30 7.43
N ALA A 70 14.40 15.21 7.33
CA ALA A 70 14.14 13.96 8.08
C ALA A 70 14.15 14.26 9.59
N ALA A 71 15.14 15.02 10.08
CA ALA A 71 15.30 15.39 11.51
C ALA A 71 14.11 16.22 11.99
N ASP A 72 13.74 17.26 11.22
CA ASP A 72 12.60 18.15 11.55
C ASP A 72 11.31 17.33 11.57
N TRP A 73 11.13 16.42 10.60
CA TRP A 73 9.97 15.49 10.52
C TRP A 73 9.90 14.60 11.76
N ILE A 74 11.03 14.03 12.16
CA ILE A 74 11.10 13.16 13.36
C ILE A 74 10.75 14.00 14.60
N ALA A 75 11.30 15.20 14.71
CA ALA A 75 10.95 16.15 15.80
C ALA A 75 9.44 16.35 15.83
N TRP A 76 8.84 16.65 14.68
CA TRP A 76 7.38 16.88 14.51
C TRP A 76 6.60 15.70 15.11
N LEU A 77 7.00 14.50 14.71
CA LEU A 77 6.38 13.23 15.17
C LEU A 77 6.45 13.14 16.70
N PHE A 78 7.60 13.38 17.30
CA PHE A 78 7.72 13.33 18.78
C PHE A 78 6.81 14.37 19.45
N PHE A 79 6.78 15.60 18.95
CA PHE A 79 5.94 16.70 19.52
C PHE A 79 4.48 16.28 19.45
N MET A 80 4.04 15.79 18.29
CA MET A 80 2.66 15.30 18.08
C MET A 80 2.39 14.11 19.01
N ASP A 81 3.31 13.17 19.04
CA ASP A 81 3.14 11.94 19.82
C ASP A 81 2.95 12.20 21.32
N ASP A 82 3.74 13.10 21.88
CA ASP A 82 3.68 13.41 23.34
C ASP A 82 2.33 14.07 23.67
N GLN A 83 1.77 14.87 22.74
CA GLN A 83 0.40 15.43 22.90
C GLN A 83 -0.61 14.28 22.97
N CYS A 84 -0.55 13.35 22.01
CA CYS A 84 -1.46 12.18 21.93
C CYS A 84 -1.34 11.30 23.17
N ASP A 85 -0.11 10.99 23.57
CA ASP A 85 0.13 9.95 24.62
C ASP A 85 0.23 10.48 26.05
N GLU A 86 0.33 11.78 26.28
CA GLU A 86 0.56 12.34 27.64
C GLU A 86 -0.39 13.51 27.96
N THR A 87 -1.24 13.99 27.03
CA THR A 87 -2.14 15.15 27.27
C THR A 87 -3.57 14.82 26.85
N GLY A 88 -4.49 15.78 27.07
CA GLY A 88 -5.94 15.62 26.94
C GLY A 88 -6.41 15.29 25.53
N ILE A 89 -5.73 15.79 24.49
CA ILE A 89 -6.18 15.62 23.07
C ILE A 89 -6.21 14.13 22.72
N GLY A 90 -5.37 13.32 23.37
CA GLY A 90 -5.30 11.86 23.18
C GLY A 90 -6.51 11.13 23.74
N ARG A 91 -7.35 11.81 24.53
CA ARG A 91 -8.60 11.23 25.12
C ARG A 91 -9.83 11.95 24.53
N ASP A 92 -9.67 12.70 23.44
CA ASP A 92 -10.72 13.59 22.87
C ASP A 92 -10.77 13.43 21.34
N LEU A 93 -11.59 12.49 20.85
CA LEU A 93 -11.67 12.14 19.41
C LEU A 93 -12.10 13.37 18.58
N GLN A 94 -13.08 14.14 19.06
CA GLN A 94 -13.64 15.29 18.30
C GLN A 94 -12.56 16.36 18.11
N ARG A 95 -11.74 16.62 19.14
CA ARG A 95 -10.59 17.55 19.07
C ARG A 95 -9.58 17.03 18.03
N MET A 96 -9.30 15.72 18.06
CA MET A 96 -8.30 15.10 17.16
C MET A 96 -8.81 15.13 15.71
N ILE A 97 -10.10 14.85 15.49
CA ILE A 97 -10.72 14.87 14.13
C ILE A 97 -10.56 16.29 13.55
N ALA A 98 -10.89 17.32 14.34
CA ALA A 98 -10.80 18.75 13.95
C ALA A 98 -9.36 19.08 13.55
N LEU A 99 -8.37 18.63 14.33
CA LEU A 99 -6.93 18.87 14.05
C LEU A 99 -6.55 18.15 12.75
N HIS A 100 -6.93 16.88 12.60
CA HIS A 100 -6.56 16.01 11.46
C HIS A 100 -7.16 16.53 10.15
N GLU A 101 -8.35 17.15 10.20
CA GLU A 101 -8.98 17.79 9.03
C GLU A 101 -8.06 18.92 8.50
N ARG A 102 -7.39 19.65 9.40
CA ARG A 102 -6.43 20.72 9.03
C ARG A 102 -5.15 20.09 8.46
N PHE A 103 -4.60 19.06 9.12
CA PHE A 103 -3.40 18.32 8.65
C PHE A 103 -3.63 17.78 7.25
N LEU A 104 -4.79 17.13 7.03
CA LEU A 104 -5.16 16.48 5.76
C LEU A 104 -5.25 17.52 4.64
N ALA A 105 -5.82 18.69 4.91
CA ALA A 105 -5.89 19.83 3.96
C ALA A 105 -4.46 20.24 3.58
N ILE A 106 -3.57 20.36 4.57
CA ILE A 106 -2.15 20.77 4.38
C ILE A 106 -1.41 19.69 3.57
N LEU A 107 -1.67 18.40 3.81
CA LEU A 107 -1.03 17.29 3.05
C LEU A 107 -1.43 17.35 1.56
N ASP A 108 -2.66 17.80 1.25
CA ASP A 108 -3.16 18.00 -0.13
C ASP A 108 -2.59 19.28 -0.75
N GLY A 109 -1.89 20.12 0.04
CA GLY A 109 -1.13 21.28 -0.46
C GLY A 109 -1.78 22.62 -0.15
N ALA A 110 -2.86 22.62 0.65
CA ALA A 110 -3.52 23.85 1.14
C ALA A 110 -2.53 24.62 2.04
N THR A 111 -2.52 25.95 1.92
CA THR A 111 -1.67 26.87 2.73
C THR A 111 -2.37 27.09 4.08
N PRO A 112 -1.63 27.09 5.21
CA PRO A 112 -2.25 27.33 6.52
C PRO A 112 -2.93 28.70 6.63
N GLU A 113 -3.89 28.83 7.57
CA GLU A 113 -4.67 30.07 7.81
C GLU A 113 -4.34 30.59 9.21
N ALA A 114 -4.77 31.83 9.51
CA ALA A 114 -4.41 32.59 10.73
C ALA A 114 -4.74 31.78 12.00
N HIS A 115 -5.86 31.05 11.98
CA HIS A 115 -6.42 30.30 13.14
C HIS A 115 -5.71 28.94 13.33
N ASP A 116 -4.84 28.52 12.41
CA ASP A 116 -4.19 27.18 12.47
C ASP A 116 -3.14 27.16 13.60
N CYS A 117 -2.88 25.98 14.16
CA CYS A 117 -1.94 25.78 15.29
C CYS A 117 -0.51 25.56 14.77
N ALA A 118 0.46 25.59 15.67
CA ALA A 118 1.91 25.51 15.39
C ALA A 118 2.22 24.23 14.60
N LEU A 119 1.64 23.09 15.02
CA LEU A 119 1.89 21.77 14.39
C LEU A 119 1.43 21.78 12.93
N THR A 120 0.30 22.42 12.61
CA THR A 120 -0.22 22.54 11.22
C THR A 120 0.77 23.33 10.37
N TYR A 121 1.25 24.47 10.87
CA TYR A 121 2.26 25.34 10.19
C TYR A 121 3.53 24.55 9.91
N ALA A 122 4.02 23.82 10.92
CA ALA A 122 5.26 23.02 10.87
C ALA A 122 5.11 21.90 9.82
N LEU A 123 3.94 21.24 9.78
CA LEU A 123 3.65 20.18 8.79
C LEU A 123 3.68 20.77 7.36
N ALA A 124 3.06 21.94 7.16
CA ALA A 124 3.03 22.65 5.87
C ALA A 124 4.46 22.95 5.40
N ASP A 125 5.35 23.29 6.35
CA ASP A 125 6.78 23.63 6.06
C ASP A 125 7.50 22.38 5.57
N LEU A 126 7.27 21.24 6.23
CA LEU A 126 7.89 19.94 5.85
C LEU A 126 7.36 19.50 4.48
N ARG A 127 6.06 19.62 4.22
CA ARG A 127 5.48 19.25 2.90
C ARG A 127 6.12 20.11 1.80
N ARG A 128 6.22 21.42 2.03
CA ARG A 128 6.83 22.40 1.08
C ARG A 128 8.26 21.96 0.76
N ARG A 129 9.06 21.68 1.80
CA ARG A 129 10.50 21.29 1.66
C ARG A 129 10.61 19.96 0.94
N LEU A 130 9.73 18.99 1.23
CA LEU A 130 9.70 17.66 0.57
C LEU A 130 9.30 17.80 -0.89
N ALA A 131 8.36 18.69 -1.21
CA ALA A 131 7.88 18.96 -2.58
C ALA A 131 9.05 19.42 -3.47
N LEU A 132 10.06 20.07 -2.90
CA LEU A 132 11.26 20.59 -3.63
C LEU A 132 12.25 19.45 -3.94
N ARG A 133 12.24 18.37 -3.15
CA ARG A 133 13.24 17.27 -3.23
C ARG A 133 12.64 16.02 -3.90
N ALA A 134 11.31 15.86 -3.89
CA ALA A 134 10.63 14.60 -4.23
C ALA A 134 9.64 14.80 -5.36
N PRO A 135 9.47 13.81 -6.26
CA PRO A 135 8.43 13.88 -7.30
C PRO A 135 7.04 13.62 -6.71
N ASP A 136 6.00 13.84 -7.51
CA ASP A 136 4.57 13.78 -7.09
C ASP A 136 4.25 12.37 -6.57
N ASN A 137 4.70 11.32 -7.27
CA ASN A 137 4.36 9.91 -6.92
C ASN A 137 4.84 9.63 -5.49
N TRP A 138 6.06 10.06 -5.14
CA TRP A 138 6.66 9.88 -3.79
C TRP A 138 5.82 10.63 -2.75
N LEU A 139 5.48 11.89 -3.07
CA LEU A 139 4.70 12.79 -2.20
C LEU A 139 3.35 12.14 -1.87
N ARG A 140 2.71 11.51 -2.85
CA ARG A 140 1.41 10.81 -2.69
C ARG A 140 1.58 9.63 -1.73
N ARG A 141 2.63 8.82 -1.92
CA ARG A 141 2.92 7.62 -1.09
C ARG A 141 3.23 8.04 0.35
N PHE A 142 4.07 9.05 0.54
CA PHE A 142 4.42 9.62 1.87
C PHE A 142 3.15 10.11 2.57
N SER A 143 2.35 10.90 1.87
CA SER A 143 1.10 11.53 2.39
C SER A 143 0.13 10.45 2.88
N GLU A 144 -0.01 9.36 2.12
CA GLU A 144 -0.93 8.24 2.47
C GLU A 144 -0.41 7.53 3.74
N HIS A 145 0.90 7.35 3.90
CA HIS A 145 1.49 6.75 5.13
C HIS A 145 1.24 7.66 6.33
N VAL A 146 1.30 8.98 6.13
CA VAL A 146 1.05 9.99 7.20
C VAL A 146 -0.46 10.00 7.52
N ARG A 147 -1.32 9.92 6.51
CA ARG A 147 -2.80 9.80 6.69
C ARG A 147 -3.12 8.56 7.53
N LEU A 148 -2.47 7.43 7.26
CA LEU A 148 -2.70 6.15 8.00
C LEU A 148 -2.21 6.29 9.44
N TYR A 149 -1.19 7.11 9.66
CA TYR A 149 -0.66 7.40 11.01
C TYR A 149 -1.70 8.20 11.80
N PHE A 150 -2.31 9.21 11.17
CA PHE A 150 -3.40 10.02 11.78
C PHE A 150 -4.58 9.09 12.12
N THR A 151 -5.00 8.24 11.18
CA THR A 151 -6.10 7.25 11.37
C THR A 151 -5.78 6.39 12.59
N ALA A 152 -4.57 5.84 12.66
CA ALA A 152 -4.09 4.97 13.77
C ALA A 152 -4.14 5.72 15.11
N ASN A 153 -3.77 7.01 15.11
CA ASN A 153 -3.74 7.81 16.37
C ASN A 153 -5.17 8.15 16.80
N ARG A 154 -6.12 8.32 15.86
CA ARG A 154 -7.56 8.47 16.16
C ARG A 154 -8.08 7.15 16.76
N TRP A 155 -7.59 6.02 16.26
CA TRP A 155 -7.96 4.67 16.76
C TRP A 155 -7.45 4.48 18.20
N GLU A 156 -6.20 4.87 18.48
CA GLU A 156 -5.58 4.83 19.83
C GLU A 156 -6.39 5.72 20.79
N THR A 157 -6.85 6.88 20.32
CA THR A 157 -7.67 7.86 21.09
C THR A 157 -8.99 7.21 21.52
N VAL A 158 -9.68 6.52 20.60
CA VAL A 158 -10.97 5.83 20.89
C VAL A 158 -10.73 4.76 21.96
N ASN A 159 -9.63 4.00 21.83
CA ASN A 159 -9.22 2.97 22.82
C ASN A 159 -9.06 3.61 24.21
N ARG A 160 -8.28 4.70 24.30
CA ARG A 160 -8.04 5.44 25.58
C ARG A 160 -9.38 5.94 26.13
N GLN A 161 -10.20 6.56 25.29
CA GLN A 161 -11.50 7.18 25.68
C GLN A 161 -12.46 6.10 26.21
N ARG A 162 -12.42 4.89 25.64
CA ARG A 162 -13.32 3.76 25.99
C ARG A 162 -12.67 2.85 27.05
N GLY A 163 -11.40 3.06 27.36
CA GLY A 163 -10.62 2.27 28.34
C GLY A 163 -10.42 0.83 27.88
N ALA A 164 -10.25 0.64 26.57
CA ALA A 164 -10.17 -0.68 25.91
C ALA A 164 -8.74 -0.94 25.42
N THR A 165 -8.11 -2.00 25.92
CA THR A 165 -6.78 -2.48 25.44
C THR A 165 -7.01 -3.51 24.33
N PRO A 166 -6.41 -3.31 23.13
CA PRO A 166 -6.58 -4.25 22.03
C PRO A 166 -5.87 -5.59 22.31
N ASN A 167 -6.31 -6.66 21.65
CA ASN A 167 -5.66 -8.00 21.72
C ASN A 167 -4.33 -7.88 20.96
N VAL A 168 -3.47 -8.89 21.05
CA VAL A 168 -2.09 -8.87 20.47
C VAL A 168 -2.19 -8.69 18.94
N ALA A 169 -3.02 -9.49 18.27
CA ALA A 169 -3.18 -9.45 16.79
C ALA A 169 -3.59 -8.04 16.33
N THR A 170 -4.57 -7.42 17.01
CA THR A 170 -5.08 -6.07 16.66
C THR A 170 -3.99 -5.02 16.93
N TYR A 171 -3.38 -5.05 18.12
CA TYR A 171 -2.30 -4.10 18.49
C TYR A 171 -1.20 -4.12 17.43
N CYS A 172 -0.66 -5.31 17.15
CA CYS A 172 0.49 -5.50 16.22
C CYS A 172 0.15 -4.98 14.83
N ALA A 173 -1.08 -5.23 14.35
CA ALA A 173 -1.60 -4.76 13.04
C ALA A 173 -1.69 -3.23 13.01
N ALA A 174 -2.16 -2.60 14.10
CA ALA A 174 -2.36 -1.14 14.21
C ALA A 174 -1.01 -0.43 14.43
N ARG A 175 -0.13 -1.03 15.23
CA ARG A 175 1.19 -0.48 15.61
C ARG A 175 2.04 -0.13 14.38
N LEU A 176 1.90 -0.92 13.34
CA LEU A 176 2.62 -0.72 12.05
C LEU A 176 2.33 0.67 11.47
N PHE A 177 1.20 1.30 11.83
CA PHE A 177 0.78 2.62 11.31
C PHE A 177 0.86 3.69 12.39
N SER A 178 0.57 3.33 13.64
CA SER A 178 0.54 4.28 14.78
C SER A 178 1.92 4.87 15.06
N GLY A 179 2.99 4.23 14.60
CA GLY A 179 4.34 4.71 14.84
C GLY A 179 4.92 5.56 13.72
N ALA A 180 4.25 5.62 12.55
CA ALA A 180 4.62 6.39 11.34
C ALA A 180 5.92 5.87 10.72
N VAL A 181 6.28 4.63 10.98
CA VAL A 181 7.58 4.06 10.53
C VAL A 181 7.61 3.98 9.00
N TYR A 182 6.49 3.68 8.37
CA TYR A 182 6.41 3.55 6.88
C TYR A 182 6.71 4.89 6.23
N ALA A 183 6.22 5.99 6.81
CA ALA A 183 6.48 7.38 6.34
C ALA A 183 7.99 7.66 6.44
N CYS A 184 8.61 7.24 7.53
CA CYS A 184 10.07 7.38 7.72
C CYS A 184 10.82 6.51 6.70
N PHE A 185 10.34 5.30 6.43
CA PHE A 185 10.93 4.40 5.41
C PHE A 185 10.88 5.07 4.02
N ASP A 186 9.82 5.81 3.71
CA ASP A 186 9.69 6.55 2.42
C ASP A 186 10.86 7.52 2.25
N LEU A 187 11.34 8.14 3.34
CA LEU A 187 12.43 9.15 3.28
C LEU A 187 13.75 8.49 2.86
N ILE A 188 13.90 7.17 3.03
CA ILE A 188 15.13 6.42 2.64
C ILE A 188 15.39 6.64 1.14
N GLU A 189 14.34 6.61 0.33
CA GLU A 189 14.40 6.80 -1.14
C GLU A 189 15.11 8.13 -1.46
N LEU A 190 14.73 9.19 -0.75
CA LEU A 190 15.28 10.57 -0.95
C LEU A 190 16.70 10.64 -0.38
N ALA A 191 16.94 10.05 0.81
CA ALA A 191 18.26 10.01 1.47
C ALA A 191 19.29 9.31 0.56
N GLU A 192 18.89 8.23 -0.11
CA GLU A 192 19.78 7.37 -0.94
C GLU A 192 19.71 7.80 -2.41
N GLN A 193 18.82 8.73 -2.76
CA GLN A 193 18.59 9.23 -4.15
C GLN A 193 18.39 8.03 -5.09
N ILE A 194 17.42 7.18 -4.77
CA ILE A 194 17.09 5.96 -5.57
C ILE A 194 15.68 6.11 -6.15
N GLU A 195 15.51 5.71 -7.41
CA GLU A 195 14.22 5.71 -8.15
C GLU A 195 13.84 4.25 -8.41
N LEU A 196 13.10 3.62 -7.51
CA LEU A 196 12.66 2.21 -7.64
C LEU A 196 11.45 2.17 -8.57
N PRO A 197 11.45 1.30 -9.60
CA PRO A 197 10.27 1.14 -10.45
C PRO A 197 9.12 0.54 -9.62
N PHE A 198 7.88 0.88 -9.98
CA PHE A 198 6.62 0.49 -9.28
C PHE A 198 6.65 -1.00 -8.90
N TYR A 199 7.07 -1.88 -9.81
CA TYR A 199 6.99 -3.35 -9.64
C TYR A 199 7.97 -3.81 -8.54
N ALA A 200 9.08 -3.10 -8.36
CA ALA A 200 10.12 -3.40 -7.34
C ALA A 200 9.71 -2.77 -6.01
N ARG A 201 9.29 -1.50 -6.03
CA ARG A 201 8.90 -0.70 -4.83
C ARG A 201 7.85 -1.45 -4.01
N HIS A 202 6.87 -2.08 -4.68
CA HIS A 202 5.66 -2.69 -4.06
C HIS A 202 5.75 -4.22 -4.04
N HIS A 203 6.91 -4.79 -4.38
CA HIS A 203 7.11 -6.27 -4.46
C HIS A 203 6.84 -6.87 -3.08
N SER A 204 6.20 -8.06 -3.06
CA SER A 204 5.74 -8.75 -1.83
C SER A 204 6.88 -8.88 -0.82
N ILE A 205 8.08 -9.22 -1.27
CA ILE A 205 9.27 -9.46 -0.39
C ILE A 205 9.73 -8.12 0.20
N VAL A 206 9.67 -7.03 -0.58
CA VAL A 206 10.03 -5.66 -0.08
C VAL A 206 9.02 -5.25 0.99
N GLN A 207 7.72 -5.50 0.75
CA GLN A 207 6.63 -5.20 1.72
C GLN A 207 6.88 -5.98 3.02
N GLN A 208 7.27 -7.26 2.90
CA GLN A 208 7.49 -8.14 4.08
C GLN A 208 8.76 -7.71 4.83
N LEU A 209 9.80 -7.26 4.11
CA LEU A 209 11.03 -6.70 4.73
C LEU A 209 10.68 -5.39 5.46
N GLU A 210 9.84 -4.54 4.86
CA GLU A 210 9.35 -3.28 5.47
C GLU A 210 8.54 -3.60 6.73
N GLN A 211 7.65 -4.60 6.67
CA GLN A 211 6.77 -5.02 7.79
C GLN A 211 7.64 -5.51 8.95
N ALA A 212 8.62 -6.37 8.67
CA ALA A 212 9.53 -6.97 9.66
C ALA A 212 10.33 -5.87 10.36
N ALA A 213 10.93 -4.94 9.59
CA ALA A 213 11.73 -3.81 10.11
C ALA A 213 10.88 -2.92 11.01
N ASN A 214 9.64 -2.63 10.58
CA ASN A 214 8.64 -1.82 11.31
C ASN A 214 8.32 -2.51 12.65
N ASN A 215 7.94 -3.79 12.62
CA ASN A 215 7.65 -4.59 13.85
C ASN A 215 8.87 -4.54 14.80
N ILE A 216 10.07 -4.78 14.28
CA ILE A 216 11.33 -4.79 15.09
C ILE A 216 11.46 -3.45 15.82
N ILE A 217 11.40 -2.35 15.07
CA ILE A 217 11.54 -0.96 15.61
C ILE A 217 10.46 -0.71 16.67
N CYS A 218 9.21 -0.98 16.34
CA CYS A 218 8.09 -0.74 17.28
C CYS A 218 8.20 -1.60 18.54
N TRP A 219 8.53 -2.87 18.42
CA TRP A 219 8.57 -3.81 19.58
C TRP A 219 9.80 -3.52 20.45
N CYS A 220 10.93 -3.15 19.83
CA CYS A 220 12.12 -2.63 20.53
C CYS A 220 11.72 -1.41 21.35
N ASN A 221 10.97 -0.50 20.75
CA ASN A 221 10.50 0.72 21.46
C ASN A 221 9.54 0.35 22.60
N ASP A 222 8.66 -0.61 22.37
CA ASP A 222 7.67 -1.07 23.37
C ASP A 222 8.40 -1.55 24.64
N VAL A 223 9.48 -2.33 24.46
CA VAL A 223 10.29 -2.89 25.59
C VAL A 223 10.95 -1.73 26.35
N LEU A 224 11.42 -0.69 25.65
CA LEU A 224 12.17 0.45 26.24
C LEU A 224 11.21 1.48 26.85
N SER A 225 9.93 1.48 26.42
CA SER A 225 8.98 2.56 26.81
C SER A 225 7.73 2.09 27.56
N TYR A 226 7.67 0.84 28.02
CA TYR A 226 6.51 0.34 28.81
C TYR A 226 6.43 1.11 30.14
N PRO A 227 7.57 1.43 30.83
CA PRO A 227 7.49 2.16 32.09
C PRO A 227 6.75 3.50 32.00
N LYS A 228 7.17 4.38 31.10
CA LYS A 228 6.54 5.71 30.95
C LYS A 228 5.10 5.56 30.45
N GLU A 229 4.82 4.56 29.63
CA GLU A 229 3.45 4.38 29.10
C GLU A 229 2.52 3.88 30.23
N MET A 230 3.03 2.99 31.06
CA MET A 230 2.29 2.50 32.27
C MET A 230 1.92 3.70 33.14
N GLN A 231 2.87 4.60 33.40
CA GLN A 231 2.68 5.81 34.25
C GLN A 231 1.46 6.61 33.77
N HIS A 232 1.25 6.69 32.45
CA HIS A 232 0.15 7.47 31.82
C HIS A 232 -1.08 6.59 31.57
N GLY A 233 -1.02 5.30 31.91
CA GLY A 233 -2.13 4.34 31.74
C GLY A 233 -2.49 4.11 30.29
N ASP A 234 -1.51 4.15 29.37
CA ASP A 234 -1.69 3.89 27.92
C ASP A 234 -1.07 2.52 27.58
N ARG A 235 -1.90 1.51 27.30
CA ARG A 235 -1.44 0.10 27.12
C ARG A 235 -1.24 -0.22 25.63
N HIS A 236 -1.05 0.79 24.77
CA HIS A 236 -0.61 0.60 23.36
C HIS A 236 0.89 0.27 23.38
N ASN A 237 1.19 -0.98 23.72
CA ASN A 237 2.56 -1.48 24.00
C ASN A 237 2.50 -3.00 24.00
N LEU A 238 3.39 -3.67 23.26
CA LEU A 238 3.40 -5.14 23.09
C LEU A 238 3.47 -5.82 24.47
N VAL A 239 4.31 -5.31 25.37
CA VAL A 239 4.48 -5.85 26.76
C VAL A 239 3.12 -5.81 27.47
N LEU A 240 2.46 -4.65 27.46
CA LEU A 240 1.20 -4.40 28.23
C LEU A 240 0.04 -5.14 27.57
N VAL A 241 0.04 -5.25 26.23
CA VAL A 241 -1.01 -5.98 25.46
C VAL A 241 -0.87 -7.49 25.73
N ILE A 242 0.36 -8.01 25.70
CA ILE A 242 0.64 -9.45 26.00
C ILE A 242 0.21 -9.75 27.45
N GLN A 243 0.51 -8.85 28.38
CA GLN A 243 0.16 -9.02 29.83
C GLN A 243 -1.36 -9.19 29.97
N GLY A 244 -2.14 -8.34 29.29
CA GLY A 244 -3.62 -8.36 29.30
C GLY A 244 -4.19 -9.63 28.68
N GLU A 245 -3.65 -10.05 27.53
CA GLU A 245 -4.17 -11.20 26.76
C GLU A 245 -3.83 -12.51 27.47
N HIS A 246 -2.60 -12.65 28.00
CA HIS A 246 -2.10 -13.91 28.63
C HIS A 246 -2.36 -13.90 30.14
N GLN A 247 -2.74 -12.76 30.72
CA GLN A 247 -3.00 -12.61 32.18
C GLN A 247 -1.75 -13.04 32.97
N CYS A 248 -0.57 -12.72 32.44
CA CYS A 248 0.75 -13.13 33.00
C CYS A 248 1.38 -11.95 33.76
N SER A 249 2.51 -12.20 34.44
CA SER A 249 3.30 -11.17 35.16
C SER A 249 3.99 -10.25 34.15
N LEU A 250 4.51 -9.11 34.63
CA LEU A 250 5.22 -8.11 33.80
C LEU A 250 6.54 -8.72 33.29
N PRO A 251 7.36 -9.37 34.13
CA PRO A 251 8.57 -10.06 33.64
C PRO A 251 8.28 -11.06 32.51
N GLU A 252 7.22 -11.87 32.64
CA GLU A 252 6.78 -12.87 31.62
C GLU A 252 6.42 -12.15 30.30
N ALA A 253 5.66 -11.05 30.40
CA ALA A 253 5.21 -10.23 29.25
C ALA A 253 6.42 -9.64 28.51
N ILE A 254 7.40 -9.12 29.27
CA ILE A 254 8.67 -8.53 28.73
C ILE A 254 9.43 -9.64 27.97
N ASP A 255 9.55 -10.82 28.58
CA ASP A 255 10.26 -12.00 28.02
C ASP A 255 9.59 -12.41 26.69
N ARG A 256 8.26 -12.51 26.68
CA ARG A 256 7.47 -12.87 25.47
C ARG A 256 7.69 -11.82 24.37
N ALA A 257 7.69 -10.53 24.73
CA ALA A 257 7.92 -9.41 23.79
C ALA A 257 9.32 -9.51 23.18
N LEU A 258 10.34 -9.84 23.99
CA LEU A 258 11.74 -9.96 23.50
C LEU A 258 11.88 -11.19 22.59
N ASP A 259 11.15 -12.27 22.86
CA ASP A 259 11.11 -13.49 22.01
C ASP A 259 10.52 -13.13 20.65
N LEU A 260 9.41 -12.38 20.61
CA LEU A 260 8.77 -11.93 19.35
C LEU A 260 9.74 -11.03 18.57
N HIS A 261 10.44 -10.13 19.26
CA HIS A 261 11.48 -9.23 18.66
C HIS A 261 12.59 -10.07 18.02
N ALA A 262 13.13 -11.05 18.74
CA ALA A 262 14.23 -11.94 18.27
C ALA A 262 13.76 -12.71 17.03
N ARG A 263 12.54 -13.26 17.06
CA ARG A 263 11.96 -14.04 15.93
C ARG A 263 11.82 -13.13 14.69
N GLU A 264 11.41 -11.87 14.89
CA GLU A 264 11.18 -10.89 13.79
C GLU A 264 12.52 -10.49 13.17
N VAL A 265 13.59 -10.39 13.99
CA VAL A 265 14.98 -10.12 13.50
C VAL A 265 15.40 -11.26 12.56
N ALA A 266 15.20 -12.52 13.00
CA ALA A 266 15.54 -13.73 12.22
C ALA A 266 14.77 -13.74 10.89
N THR A 267 13.50 -13.33 10.92
CA THR A 267 12.59 -13.25 9.73
C THR A 267 13.15 -12.22 8.73
N PHE A 268 13.56 -11.05 9.22
CA PHE A 268 14.14 -9.97 8.38
C PHE A 268 15.41 -10.48 7.70
N VAL A 269 16.32 -11.08 8.49
CA VAL A 269 17.63 -11.62 8.01
C VAL A 269 17.36 -12.68 6.93
N ARG A 270 16.37 -13.56 7.16
CA ARG A 270 16.01 -14.66 6.22
C ARG A 270 15.48 -14.07 4.91
N LYS A 271 14.51 -13.17 4.98
CA LYS A 271 13.79 -12.64 3.79
C LYS A 271 14.70 -11.72 2.97
N ARG A 272 15.76 -11.17 3.56
CA ARG A 272 16.77 -10.34 2.84
C ARG A 272 17.32 -11.12 1.63
N THR A 273 17.42 -12.45 1.70
CA THR A 273 18.00 -13.30 0.62
C THR A 273 16.88 -13.89 -0.27
N CYS A 274 15.63 -13.41 -0.14
CA CYS A 274 14.47 -13.86 -0.94
C CYS A 274 14.08 -12.77 -1.95
N VAL A 275 14.87 -11.71 -2.06
CA VAL A 275 14.66 -10.60 -3.04
C VAL A 275 14.98 -11.15 -4.43
N PRO A 276 14.01 -11.22 -5.37
CA PRO A 276 14.27 -11.79 -6.68
C PRO A 276 15.17 -10.87 -7.51
N TYR A 277 15.79 -11.42 -8.55
CA TYR A 277 16.65 -10.67 -9.52
C TYR A 277 15.78 -10.06 -10.61
N PHE A 278 15.66 -8.74 -10.63
CA PHE A 278 14.96 -7.95 -11.68
C PHE A 278 15.96 -7.62 -12.78
N ASP A 279 16.88 -6.68 -12.50
CA ASP A 279 18.06 -6.36 -13.33
C ASP A 279 19.11 -5.70 -12.42
N ALA A 280 20.33 -5.49 -12.93
CA ALA A 280 21.51 -5.03 -12.16
C ALA A 280 21.19 -3.69 -11.47
N ALA A 281 20.68 -2.71 -12.22
CA ALA A 281 20.36 -1.34 -11.76
C ALA A 281 19.29 -1.39 -10.66
N VAL A 282 18.16 -2.04 -10.92
CA VAL A 282 17.00 -2.13 -9.98
C VAL A 282 17.48 -2.78 -8.67
N ASN A 283 18.23 -3.88 -8.75
CA ASN A 283 18.64 -4.66 -7.56
C ASN A 283 19.69 -3.88 -6.74
N THR A 284 20.57 -3.13 -7.40
CA THR A 284 21.53 -2.18 -6.74
C THR A 284 20.74 -1.18 -5.90
N ALA A 285 19.73 -0.53 -6.49
CA ALA A 285 18.87 0.47 -5.82
C ALA A 285 18.09 -0.20 -4.69
N LEU A 286 17.57 -1.41 -4.94
CA LEU A 286 16.77 -2.20 -3.96
C LEU A 286 17.64 -2.53 -2.75
N GLU A 287 18.91 -2.90 -2.95
CA GLU A 287 19.84 -3.25 -1.84
C GLU A 287 20.18 -2.00 -1.01
N LYS A 288 20.22 -0.81 -1.62
CA LYS A 288 20.40 0.48 -0.90
C LYS A 288 19.18 0.73 0.00
N TYR A 289 17.98 0.43 -0.50
CA TYR A 289 16.72 0.60 0.27
C TYR A 289 16.73 -0.34 1.48
N VAL A 290 17.02 -1.62 1.25
CA VAL A 290 16.96 -2.68 2.31
C VAL A 290 18.06 -2.39 3.34
N THR A 291 19.25 -1.97 2.89
CA THR A 291 20.34 -1.46 3.76
C THR A 291 19.78 -0.32 4.65
N GLY A 292 19.03 0.60 4.05
CA GLY A 292 18.33 1.69 4.75
C GLY A 292 17.45 1.19 5.88
N LEU A 293 16.70 0.10 5.64
CA LEU A 293 15.84 -0.53 6.68
C LEU A 293 16.72 -1.01 7.85
N GLN A 294 17.89 -1.58 7.56
CA GLN A 294 18.84 -2.05 8.60
C GLN A 294 19.36 -0.85 9.40
N PHE A 295 19.76 0.23 8.74
CA PHE A 295 20.23 1.47 9.40
C PHE A 295 19.17 1.96 10.38
N TRP A 296 17.90 1.94 9.97
CA TRP A 296 16.74 2.37 10.81
C TRP A 296 16.60 1.49 12.05
N ILE A 297 16.65 0.18 11.87
CA ILE A 297 16.53 -0.82 12.98
C ILE A 297 17.58 -0.47 14.05
N CYS A 298 18.84 -0.31 13.62
CA CYS A 298 19.99 0.01 14.50
C CYS A 298 19.82 1.41 15.11
N ALA A 299 19.41 2.40 14.30
CA ALA A 299 19.24 3.81 14.70
C ALA A 299 18.28 3.88 15.89
N ASN A 300 17.13 3.25 15.75
CA ASN A 300 16.09 3.20 16.79
C ASN A 300 16.69 2.70 18.11
N ARG A 301 17.31 1.53 18.11
CA ARG A 301 17.89 0.84 19.29
C ARG A 301 19.03 1.68 19.86
N ASP A 302 19.99 2.08 18.99
CA ASP A 302 21.23 2.80 19.40
C ASP A 302 20.86 4.12 20.09
N TRP A 303 19.93 4.88 19.50
CA TRP A 303 19.47 6.19 20.02
C TRP A 303 18.67 6.00 21.31
N SER A 304 17.78 5.01 21.35
CA SER A 304 16.79 4.79 22.44
C SER A 304 17.50 4.37 23.73
N LEU A 305 18.60 3.60 23.63
CA LEU A 305 19.37 3.18 24.82
C LEU A 305 20.10 4.37 25.45
N THR A 306 20.38 5.42 24.66
CA THR A 306 21.23 6.59 25.04
C THR A 306 20.36 7.83 25.33
N ALA A 307 19.02 7.70 25.31
CA ALA A 307 18.05 8.82 25.38
C ALA A 307 17.39 8.88 26.76
N THR A 308 17.27 10.07 27.34
CA THR A 308 16.65 10.30 28.67
C THR A 308 15.12 10.14 28.57
N ARG A 309 14.62 10.11 27.34
CA ARG A 309 13.18 9.90 27.04
C ARG A 309 12.73 8.58 27.65
N TYR A 310 13.60 7.57 27.65
CA TYR A 310 13.28 6.21 28.16
C TYR A 310 13.99 5.89 29.48
N ALA A 311 14.54 6.90 30.16
CA ALA A 311 15.26 6.75 31.45
C ALA A 311 14.23 6.73 32.59
N ASP B 4 -8.88 -29.22 -23.58
CA ASP B 4 -7.39 -29.22 -23.67
C ASP B 4 -6.82 -28.72 -22.33
N TYR B 5 -5.84 -27.81 -22.35
CA TYR B 5 -5.11 -27.30 -21.15
C TYR B 5 -6.02 -26.40 -20.32
N ARG B 6 -7.11 -25.88 -20.90
CA ARG B 6 -8.10 -25.00 -20.24
C ARG B 6 -8.80 -25.76 -19.09
N ALA B 7 -8.86 -27.09 -19.17
CA ALA B 7 -9.54 -27.99 -18.20
C ALA B 7 -8.83 -27.98 -16.84
N ARG B 8 -7.56 -27.53 -16.78
CA ARG B 8 -6.72 -27.51 -15.54
C ARG B 8 -6.89 -26.20 -14.76
N LEU B 9 -7.64 -25.23 -15.30
CA LEU B 9 -7.95 -23.95 -14.60
C LEU B 9 -9.12 -24.17 -13.63
N VAL B 10 -8.84 -24.84 -12.51
CA VAL B 10 -9.85 -25.31 -11.51
C VAL B 10 -9.51 -24.69 -10.14
N TYR B 11 -10.54 -24.50 -9.30
CA TYR B 11 -10.45 -23.90 -7.94
C TYR B 11 -11.24 -24.78 -6.98
N PRO B 12 -10.80 -24.93 -5.70
CA PRO B 12 -11.53 -25.73 -4.72
C PRO B 12 -12.69 -24.94 -4.09
N PHE B 13 -13.29 -24.03 -4.85
CA PHE B 13 -14.44 -23.18 -4.43
C PHE B 13 -15.20 -22.77 -5.68
N SER B 14 -16.43 -22.28 -5.49
CA SER B 14 -17.36 -21.91 -6.59
C SER B 14 -17.66 -20.41 -6.51
N GLY B 15 -18.05 -19.83 -7.65
CA GLY B 15 -18.46 -18.42 -7.76
C GLY B 15 -19.97 -18.28 -7.63
N ALA B 16 -20.49 -17.15 -8.07
CA ALA B 16 -21.92 -16.81 -8.11
C ALA B 16 -22.10 -15.64 -9.06
N ILE B 17 -23.33 -15.37 -9.48
CA ILE B 17 -23.65 -14.24 -10.40
C ILE B 17 -24.81 -13.45 -9.79
N SER B 18 -24.77 -12.13 -9.94
CA SER B 18 -25.87 -11.21 -9.54
C SER B 18 -27.12 -11.53 -10.36
N PRO B 19 -28.32 -11.51 -9.75
CA PRO B 19 -29.57 -11.65 -10.50
C PRO B 19 -29.81 -10.51 -11.50
N HIS B 20 -29.11 -9.38 -11.36
CA HIS B 20 -29.26 -8.16 -12.22
C HIS B 20 -28.37 -8.25 -13.48
N ALA B 21 -27.72 -9.40 -13.72
CA ALA B 21 -26.63 -9.56 -14.72
C ALA B 21 -27.00 -8.92 -16.05
N ASP B 22 -28.15 -9.29 -16.63
CA ASP B 22 -28.50 -8.97 -18.04
C ASP B 22 -28.88 -7.49 -18.18
N ILE B 23 -29.70 -6.94 -17.28
CA ILE B 23 -30.11 -5.51 -17.34
C ILE B 23 -28.86 -4.63 -17.14
N VAL B 24 -27.90 -5.08 -16.34
CA VAL B 24 -26.63 -4.33 -16.08
C VAL B 24 -25.78 -4.36 -17.36
N ASP B 25 -25.65 -5.52 -17.99
CA ASP B 25 -24.87 -5.71 -19.25
C ASP B 25 -25.50 -4.84 -20.35
N GLN B 26 -26.82 -4.88 -20.49
CA GLN B 26 -27.57 -4.10 -21.51
C GLN B 26 -27.36 -2.60 -21.24
N ALA B 27 -27.35 -2.18 -19.96
CA ALA B 27 -27.14 -0.78 -19.53
C ALA B 27 -25.68 -0.35 -19.74
N THR B 28 -24.72 -1.27 -19.64
CA THR B 28 -23.28 -1.00 -19.90
C THR B 28 -23.10 -0.70 -21.39
N LEU B 29 -23.75 -1.46 -22.27
CA LEU B 29 -23.78 -1.22 -23.74
C LEU B 29 -24.32 0.19 -24.01
N ALA B 30 -25.48 0.51 -23.43
CA ALA B 30 -26.17 1.82 -23.56
C ALA B 30 -25.23 2.94 -23.10
N TRP B 31 -24.56 2.75 -21.96
CA TRP B 31 -23.58 3.73 -21.38
C TRP B 31 -22.41 3.90 -22.35
N ALA B 32 -21.84 2.80 -22.85
CA ALA B 32 -20.67 2.77 -23.77
C ALA B 32 -21.02 3.52 -25.07
N ALA B 33 -22.23 3.32 -25.61
CA ALA B 33 -22.73 4.02 -26.81
C ALA B 33 -22.90 5.51 -26.52
N MET B 34 -23.53 5.84 -25.38
CA MET B 34 -23.79 7.23 -24.91
C MET B 34 -22.50 8.05 -24.90
N PHE B 35 -21.37 7.44 -24.52
CA PHE B 35 -20.03 8.09 -24.40
C PHE B 35 -19.19 7.88 -25.67
N GLY B 36 -19.75 7.21 -26.67
CA GLY B 36 -19.11 6.98 -27.99
C GLY B 36 -17.88 6.11 -27.89
N LEU B 37 -17.88 5.12 -26.99
CA LEU B 37 -16.76 4.17 -26.77
C LEU B 37 -16.89 2.98 -27.74
N LEU B 38 -18.06 2.82 -28.37
CA LEU B 38 -18.35 1.74 -29.36
C LEU B 38 -18.11 2.27 -30.78
N THR B 39 -17.49 1.44 -31.64
CA THR B 39 -17.20 1.75 -33.07
C THR B 39 -17.30 0.47 -33.91
N LYS B 45 -21.62 -6.95 -33.37
CA LYS B 45 -20.79 -7.79 -32.46
C LYS B 45 -20.75 -7.19 -31.04
N SER B 46 -21.24 -5.96 -30.86
CA SER B 46 -21.27 -5.24 -29.56
C SER B 46 -21.97 -6.08 -28.49
N ARG B 47 -23.03 -6.81 -28.85
CA ARG B 47 -23.86 -7.62 -27.91
C ARG B 47 -23.07 -8.82 -27.37
N ARG B 48 -21.95 -9.19 -28.02
CA ARG B 48 -21.11 -10.36 -27.63
C ARG B 48 -19.99 -9.93 -26.66
N LEU B 49 -19.86 -8.64 -26.35
CA LEU B 49 -18.83 -8.11 -25.41
C LEU B 49 -19.10 -8.67 -24.00
N GLN B 50 -20.31 -8.46 -23.48
CA GLN B 50 -20.83 -9.08 -22.23
C GLN B 50 -19.97 -8.66 -21.02
N TYR B 51 -19.45 -7.43 -21.01
CA TYR B 51 -18.59 -6.90 -19.91
C TYR B 51 -19.39 -6.87 -18.60
N GLY B 52 -20.70 -6.62 -18.68
CA GLY B 52 -21.62 -6.62 -17.52
C GLY B 52 -21.75 -8.01 -16.89
N LEU B 53 -21.57 -9.08 -17.68
CA LEU B 53 -21.69 -10.49 -17.20
C LEU B 53 -20.39 -10.90 -16.49
N LEU B 54 -19.28 -10.19 -16.69
CA LEU B 54 -18.05 -10.35 -15.85
C LEU B 54 -18.29 -9.68 -14.50
N ALA B 55 -18.72 -8.42 -14.51
CA ALA B 55 -19.03 -7.61 -13.30
C ALA B 55 -20.04 -8.34 -12.42
N ALA B 56 -21.11 -8.88 -13.02
CA ALA B 56 -22.21 -9.59 -12.33
C ALA B 56 -21.65 -10.81 -11.56
N ARG B 57 -20.61 -11.45 -12.09
CA ARG B 57 -19.96 -12.63 -11.45
C ARG B 57 -18.96 -12.17 -10.37
N ALA B 58 -18.27 -11.05 -10.61
CA ALA B 58 -17.20 -10.51 -9.73
C ALA B 58 -17.81 -9.95 -8.44
N TYR B 59 -18.97 -9.29 -8.54
CA TYR B 59 -19.67 -8.62 -7.41
C TYR B 59 -21.10 -9.14 -7.34
N PRO B 60 -21.31 -10.44 -7.03
CA PRO B 60 -22.63 -11.06 -7.17
C PRO B 60 -23.67 -10.62 -6.13
N ARG B 61 -23.25 -10.02 -5.02
CA ARG B 61 -24.15 -9.61 -3.90
C ARG B 61 -24.33 -8.09 -3.89
N ALA B 62 -23.80 -7.37 -4.88
CA ALA B 62 -23.87 -5.90 -5.00
C ALA B 62 -25.31 -5.46 -5.32
N ASP B 63 -25.73 -4.30 -4.80
CA ASP B 63 -26.97 -3.60 -5.22
C ASP B 63 -26.80 -3.18 -6.69
N ARG B 64 -27.89 -3.04 -7.43
CA ARG B 64 -27.88 -2.84 -8.90
C ARG B 64 -27.09 -1.56 -9.25
N GLU B 65 -27.29 -0.48 -8.50
CA GLU B 65 -26.61 0.83 -8.74
C GLU B 65 -25.09 0.64 -8.67
N MET B 66 -24.59 -0.02 -7.62
CA MET B 66 -23.14 -0.22 -7.40
C MET B 66 -22.59 -1.17 -8.47
N LEU B 67 -23.31 -2.25 -8.79
CA LEU B 67 -22.90 -3.23 -9.83
C LEU B 67 -22.77 -2.52 -11.18
N GLN B 68 -23.64 -1.56 -11.46
CA GLN B 68 -23.66 -0.81 -12.74
C GLN B 68 -22.37 0.02 -12.89
N ILE B 69 -21.90 0.64 -11.80
CA ILE B 69 -20.62 1.41 -11.79
C ILE B 69 -19.47 0.44 -12.10
N ALA B 70 -19.42 -0.69 -11.38
CA ALA B 70 -18.42 -1.77 -11.53
C ALA B 70 -18.39 -2.25 -12.99
N ALA B 71 -19.56 -2.50 -13.58
CA ALA B 71 -19.73 -3.00 -14.97
C ALA B 71 -19.22 -1.94 -15.97
N ASP B 72 -19.63 -0.69 -15.77
CA ASP B 72 -19.20 0.45 -16.63
C ASP B 72 -17.68 0.62 -16.52
N TRP B 73 -17.12 0.47 -15.32
CA TRP B 73 -15.66 0.57 -15.04
C TRP B 73 -14.91 -0.56 -15.78
N ILE B 74 -15.39 -1.81 -15.67
CA ILE B 74 -14.79 -2.99 -16.34
C ILE B 74 -14.84 -2.80 -17.86
N ALA B 75 -15.95 -2.27 -18.39
CA ALA B 75 -16.10 -1.93 -19.83
C ALA B 75 -15.03 -0.91 -20.22
N TRP B 76 -14.88 0.16 -19.44
CA TRP B 76 -13.85 1.22 -19.62
C TRP B 76 -12.47 0.59 -19.74
N LEU B 77 -12.11 -0.30 -18.82
CA LEU B 77 -10.77 -0.96 -18.79
C LEU B 77 -10.55 -1.73 -20.10
N PHE B 78 -11.55 -2.52 -20.54
CA PHE B 78 -11.45 -3.37 -21.76
C PHE B 78 -11.25 -2.49 -23.00
N PHE B 79 -12.00 -1.38 -23.12
CA PHE B 79 -11.88 -0.40 -24.23
C PHE B 79 -10.46 0.18 -24.23
N MET B 80 -9.99 0.64 -23.06
CA MET B 80 -8.63 1.21 -22.86
C MET B 80 -7.58 0.14 -23.18
N ASP B 81 -7.78 -1.08 -22.68
CA ASP B 81 -6.82 -2.20 -22.80
C ASP B 81 -6.58 -2.55 -24.27
N ASP B 82 -7.65 -2.63 -25.07
CA ASP B 82 -7.56 -3.02 -26.51
C ASP B 82 -6.82 -1.94 -27.29
N GLN B 83 -6.92 -0.67 -26.87
CA GLN B 83 -6.18 0.46 -27.49
C GLN B 83 -4.68 0.32 -27.19
N CYS B 84 -4.33 -0.10 -25.96
CA CYS B 84 -2.92 -0.32 -25.53
C CYS B 84 -2.32 -1.55 -26.23
N ASP B 85 -3.10 -2.63 -26.37
CA ASP B 85 -2.58 -3.99 -26.71
C ASP B 85 -2.73 -4.30 -28.20
N GLU B 86 -3.58 -3.58 -28.94
CA GLU B 86 -3.88 -3.89 -30.37
C GLU B 86 -3.78 -2.64 -31.27
N THR B 87 -3.43 -1.47 -30.72
CA THR B 87 -3.49 -0.15 -31.42
C THR B 87 -2.17 0.60 -31.20
N GLY B 88 -1.90 1.60 -32.05
CA GLY B 88 -0.63 2.35 -32.13
C GLY B 88 -0.23 3.03 -30.83
N ILE B 89 -1.19 3.58 -30.08
CA ILE B 89 -0.95 4.35 -28.83
C ILE B 89 -0.14 3.50 -27.83
N GLY B 90 -0.31 2.17 -27.87
CA GLY B 90 0.43 1.21 -27.02
C GLY B 90 1.90 1.12 -27.37
N ARG B 91 2.32 1.62 -28.54
CA ARG B 91 3.73 1.65 -28.99
C ARG B 91 4.20 3.11 -29.13
N ASP B 92 3.55 4.04 -28.44
CA ASP B 92 3.80 5.50 -28.50
C ASP B 92 3.75 6.08 -27.08
N LEU B 93 4.91 6.18 -26.42
CA LEU B 93 5.02 6.58 -24.98
C LEU B 93 4.48 8.00 -24.77
N GLN B 94 4.94 8.96 -25.59
CA GLN B 94 4.68 10.41 -25.40
C GLN B 94 3.18 10.67 -25.55
N ARG B 95 2.52 9.95 -26.45
CA ARG B 95 1.05 10.03 -26.67
C ARG B 95 0.31 9.47 -25.43
N MET B 96 0.82 8.39 -24.86
CA MET B 96 0.24 7.70 -23.68
C MET B 96 0.39 8.59 -22.43
N ILE B 97 1.56 9.23 -22.27
CA ILE B 97 1.85 10.20 -21.16
C ILE B 97 0.82 11.33 -21.22
N ALA B 98 0.56 11.88 -22.41
CA ALA B 98 -0.39 13.00 -22.65
C ALA B 98 -1.79 12.56 -22.19
N LEU B 99 -2.23 11.38 -22.62
CA LEU B 99 -3.56 10.79 -22.28
C LEU B 99 -3.65 10.57 -20.77
N HIS B 100 -2.60 9.98 -20.16
CA HIS B 100 -2.56 9.64 -18.71
C HIS B 100 -2.59 10.93 -17.88
N GLU B 101 -1.90 11.99 -18.32
CA GLU B 101 -1.93 13.32 -17.66
C GLU B 101 -3.39 13.80 -17.56
N ARG B 102 -4.19 13.59 -18.62
CA ARG B 102 -5.64 13.96 -18.66
C ARG B 102 -6.42 13.07 -17.69
N PHE B 103 -6.12 11.76 -17.65
CA PHE B 103 -6.77 10.78 -16.74
C PHE B 103 -6.49 11.15 -15.28
N LEU B 104 -5.22 11.38 -14.95
CA LEU B 104 -4.76 11.69 -13.57
C LEU B 104 -5.39 13.00 -13.09
N ALA B 105 -5.53 13.98 -13.99
CA ALA B 105 -6.26 15.25 -13.73
C ALA B 105 -7.71 14.92 -13.31
N ILE B 106 -8.40 14.12 -14.13
CA ILE B 106 -9.82 13.73 -13.91
C ILE B 106 -9.94 12.98 -12.58
N LEU B 107 -9.01 12.07 -12.27
CA LEU B 107 -9.00 11.26 -11.01
C LEU B 107 -8.89 12.18 -9.79
N ASP B 108 -8.13 13.28 -9.91
CA ASP B 108 -7.92 14.27 -8.80
C ASP B 108 -9.20 15.09 -8.58
N GLY B 109 -10.04 15.26 -9.61
CA GLY B 109 -11.37 15.92 -9.49
C GLY B 109 -11.67 16.89 -10.62
N ALA B 110 -10.67 17.30 -11.40
CA ALA B 110 -10.79 18.24 -12.54
C ALA B 110 -11.87 17.74 -13.51
N THR B 111 -12.76 18.63 -13.97
CA THR B 111 -13.85 18.32 -14.93
C THR B 111 -13.26 18.30 -16.34
N PRO B 112 -13.75 17.44 -17.26
CA PRO B 112 -13.21 17.37 -18.62
C PRO B 112 -13.40 18.68 -19.40
N GLU B 113 -12.50 18.95 -20.36
CA GLU B 113 -12.50 20.17 -21.20
C GLU B 113 -12.94 19.80 -22.62
N ALA B 114 -13.09 20.79 -23.50
CA ALA B 114 -13.72 20.71 -24.84
C ALA B 114 -13.15 19.55 -25.65
N HIS B 115 -11.82 19.47 -25.78
CA HIS B 115 -11.11 18.48 -26.64
C HIS B 115 -10.43 17.41 -25.78
N ASP B 116 -11.11 16.91 -24.75
CA ASP B 116 -10.80 15.64 -24.05
C ASP B 116 -11.50 14.50 -24.80
N CYS B 117 -10.86 13.33 -24.90
CA CYS B 117 -11.38 12.15 -25.65
C CYS B 117 -12.54 11.50 -24.87
N ALA B 118 -13.27 10.59 -25.52
CA ALA B 118 -14.45 9.87 -25.00
C ALA B 118 -14.11 9.22 -23.65
N LEU B 119 -12.98 8.51 -23.59
CA LEU B 119 -12.51 7.76 -22.37
C LEU B 119 -12.41 8.72 -21.18
N THR B 120 -11.78 9.88 -21.36
CA THR B 120 -11.54 10.89 -20.29
C THR B 120 -12.89 11.33 -19.69
N TYR B 121 -13.89 11.56 -20.54
CA TYR B 121 -15.28 11.92 -20.14
C TYR B 121 -15.90 10.75 -19.38
N ALA B 122 -15.76 9.53 -19.89
CA ALA B 122 -16.30 8.28 -19.28
C ALA B 122 -15.66 8.06 -17.90
N LEU B 123 -14.35 8.34 -17.76
CA LEU B 123 -13.59 8.17 -16.49
C LEU B 123 -14.11 9.20 -15.47
N ALA B 124 -14.34 10.44 -15.90
CA ALA B 124 -14.89 11.54 -15.09
C ALA B 124 -16.28 11.16 -14.57
N ASP B 125 -17.11 10.57 -15.43
CA ASP B 125 -18.47 10.07 -15.07
C ASP B 125 -18.35 9.00 -13.97
N LEU B 126 -17.46 8.02 -14.16
CA LEU B 126 -17.24 6.92 -13.18
C LEU B 126 -16.74 7.50 -11.86
N ARG B 127 -15.81 8.47 -11.90
CA ARG B 127 -15.25 9.10 -10.67
C ARG B 127 -16.38 9.81 -9.92
N ARG B 128 -17.18 10.60 -10.64
CA ARG B 128 -18.36 11.33 -10.10
C ARG B 128 -19.28 10.33 -9.38
N ARG B 129 -19.64 9.24 -10.06
CA ARG B 129 -20.59 8.21 -9.53
C ARG B 129 -19.98 7.51 -8.31
N LEU B 130 -18.68 7.23 -8.33
CA LEU B 130 -17.97 6.57 -7.19
C LEU B 130 -17.94 7.51 -5.99
N ALA B 131 -17.80 8.81 -6.21
CA ALA B 131 -17.74 9.86 -5.16
C ALA B 131 -19.05 9.92 -4.38
N LEU B 132 -20.19 9.56 -5.01
CA LEU B 132 -21.53 9.53 -4.37
C LEU B 132 -21.68 8.30 -3.45
N ARG B 133 -20.84 7.27 -3.61
CA ARG B 133 -20.99 5.96 -2.91
C ARG B 133 -19.85 5.72 -1.91
N ALA B 134 -18.70 6.38 -2.07
CA ALA B 134 -17.45 6.03 -1.36
C ALA B 134 -16.85 7.25 -0.68
N PRO B 135 -16.25 7.11 0.53
CA PRO B 135 -15.55 8.22 1.20
C PRO B 135 -14.19 8.53 0.55
N ASP B 136 -13.57 9.65 0.97
CA ASP B 136 -12.31 10.18 0.37
C ASP B 136 -11.18 9.16 0.50
N ASN B 137 -11.03 8.50 1.65
CA ASN B 137 -9.92 7.52 1.88
C ASN B 137 -10.02 6.41 0.83
N TRP B 138 -11.23 5.97 0.51
CA TRP B 138 -11.49 4.94 -0.53
C TRP B 138 -11.09 5.47 -1.91
N LEU B 139 -11.59 6.65 -2.28
CA LEU B 139 -11.33 7.31 -3.60
C LEU B 139 -9.82 7.40 -3.83
N ARG B 140 -9.05 7.75 -2.79
CA ARG B 140 -7.57 7.89 -2.83
C ARG B 140 -6.93 6.52 -3.11
N ARG B 141 -7.34 5.48 -2.39
CA ARG B 141 -6.77 4.11 -2.54
C ARG B 141 -7.06 3.60 -3.97
N PHE B 142 -8.29 3.81 -4.47
CA PHE B 142 -8.73 3.43 -5.84
C PHE B 142 -7.91 4.21 -6.87
N SER B 143 -7.81 5.53 -6.72
CA SER B 143 -7.07 6.44 -7.63
C SER B 143 -5.61 5.99 -7.75
N GLU B 144 -4.98 5.64 -6.62
CA GLU B 144 -3.56 5.20 -6.55
C GLU B 144 -3.39 3.88 -7.33
N HIS B 145 -4.31 2.93 -7.17
CA HIS B 145 -4.29 1.63 -7.89
C HIS B 145 -4.46 1.87 -9.40
N VAL B 146 -5.32 2.81 -9.79
CA VAL B 146 -5.56 3.17 -11.22
C VAL B 146 -4.31 3.89 -11.76
N ARG B 147 -3.67 4.72 -10.93
CA ARG B 147 -2.41 5.45 -11.28
C ARG B 147 -1.31 4.41 -11.56
N LEU B 148 -1.20 3.39 -10.71
CA LEU B 148 -0.19 2.30 -10.84
C LEU B 148 -0.50 1.46 -12.08
N TYR B 149 -1.78 1.34 -12.45
CA TYR B 149 -2.24 0.68 -13.70
C TYR B 149 -1.71 1.47 -14.91
N PHE B 150 -1.85 2.79 -14.90
CA PHE B 150 -1.37 3.69 -15.98
C PHE B 150 0.16 3.57 -16.09
N THR B 151 0.87 3.63 -14.96
CA THR B 151 2.35 3.49 -14.88
C THR B 151 2.77 2.14 -15.47
N ALA B 152 2.08 1.05 -15.10
CA ALA B 152 2.35 -0.31 -15.61
C ALA B 152 2.14 -0.36 -17.13
N ASN B 153 1.12 0.36 -17.64
CA ASN B 153 0.80 0.39 -19.09
C ASN B 153 1.88 1.17 -19.86
N ARG B 154 2.40 2.25 -19.27
CA ARG B 154 3.53 3.04 -19.83
C ARG B 154 4.78 2.16 -19.86
N TRP B 155 4.99 1.34 -18.84
CA TRP B 155 6.11 0.36 -18.75
C TRP B 155 5.99 -0.68 -19.88
N GLU B 156 4.81 -1.26 -20.07
CA GLU B 156 4.52 -2.21 -21.19
C GLU B 156 4.85 -1.54 -22.52
N THR B 157 4.48 -0.26 -22.70
CA THR B 157 4.65 0.53 -23.95
C THR B 157 6.13 0.69 -24.28
N VAL B 158 6.97 1.00 -23.29
CA VAL B 158 8.44 1.14 -23.45
C VAL B 158 9.02 -0.21 -23.90
N ASN B 159 8.59 -1.31 -23.26
CA ASN B 159 9.01 -2.69 -23.62
C ASN B 159 8.69 -2.97 -25.09
N ARG B 160 7.47 -2.65 -25.52
CA ARG B 160 6.99 -2.86 -26.92
C ARG B 160 7.88 -2.08 -27.91
N GLN B 161 8.15 -0.81 -27.60
CA GLN B 161 8.93 0.12 -28.47
C GLN B 161 10.37 -0.38 -28.63
N ARG B 162 10.98 -0.85 -27.54
CA ARG B 162 12.39 -1.33 -27.51
C ARG B 162 12.47 -2.81 -27.88
N GLY B 163 11.32 -3.48 -28.06
CA GLY B 163 11.23 -4.91 -28.35
C GLY B 163 11.92 -5.73 -27.28
N ALA B 164 11.76 -5.34 -26.01
CA ALA B 164 12.39 -5.97 -24.83
C ALA B 164 11.40 -6.97 -24.21
N THR B 165 11.91 -8.09 -23.69
CA THR B 165 11.14 -9.09 -22.90
C THR B 165 11.71 -9.11 -21.49
N PRO B 166 10.91 -8.80 -20.45
CA PRO B 166 11.38 -8.88 -19.06
C PRO B 166 11.52 -10.35 -18.66
N ASN B 167 12.30 -10.64 -17.61
CA ASN B 167 12.40 -12.00 -17.01
C ASN B 167 11.08 -12.28 -16.28
N VAL B 168 10.90 -13.50 -15.78
CA VAL B 168 9.63 -13.98 -15.15
C VAL B 168 9.36 -13.14 -13.90
N ALA B 169 10.38 -12.94 -13.05
CA ALA B 169 10.30 -12.20 -11.77
C ALA B 169 9.80 -10.77 -12.03
N THR B 170 10.36 -10.08 -13.03
CA THR B 170 10.00 -8.70 -13.42
C THR B 170 8.56 -8.67 -13.96
N TYR B 171 8.22 -9.55 -14.90
CA TYR B 171 6.88 -9.60 -15.52
C TYR B 171 5.79 -9.80 -14.46
N CYS B 172 5.95 -10.79 -13.59
CA CYS B 172 4.96 -11.16 -12.54
C CYS B 172 4.75 -9.97 -11.59
N ALA B 173 5.83 -9.29 -11.20
CA ALA B 173 5.82 -8.12 -10.31
C ALA B 173 5.02 -6.97 -10.96
N ALA B 174 5.19 -6.77 -12.27
CA ALA B 174 4.56 -5.67 -13.04
C ALA B 174 3.10 -6.04 -13.38
N ARG B 175 2.84 -7.31 -13.69
CA ARG B 175 1.51 -7.83 -14.09
C ARG B 175 0.49 -7.55 -12.98
N LEU B 176 0.91 -7.59 -11.71
CA LEU B 176 0.04 -7.29 -10.54
C LEU B 176 -0.60 -5.90 -10.69
N PHE B 177 -0.01 -4.99 -11.48
CA PHE B 177 -0.48 -3.59 -11.64
C PHE B 177 -1.02 -3.33 -13.05
N SER B 178 -0.52 -4.03 -14.07
CA SER B 178 -0.89 -3.80 -15.50
C SER B 178 -2.32 -4.31 -15.79
N GLY B 179 -2.88 -5.16 -14.93
CA GLY B 179 -4.23 -5.74 -15.09
C GLY B 179 -5.31 -4.94 -14.39
N ALA B 180 -4.93 -3.98 -13.53
CA ALA B 180 -5.85 -3.10 -12.76
C ALA B 180 -6.71 -3.91 -11.78
N VAL B 181 -6.26 -5.11 -11.40
CA VAL B 181 -7.03 -6.04 -10.53
C VAL B 181 -7.23 -5.39 -9.15
N TYR B 182 -6.20 -4.75 -8.59
CA TYR B 182 -6.26 -4.11 -7.26
C TYR B 182 -7.34 -3.01 -7.25
N ALA B 183 -7.46 -2.24 -8.33
CA ALA B 183 -8.53 -1.22 -8.50
C ALA B 183 -9.89 -1.94 -8.44
N CYS B 184 -10.02 -3.09 -9.10
CA CYS B 184 -11.27 -3.89 -9.12
C CYS B 184 -11.54 -4.50 -7.73
N PHE B 185 -10.50 -4.91 -7.00
CA PHE B 185 -10.59 -5.44 -5.62
C PHE B 185 -11.11 -4.35 -4.67
N ASP B 186 -10.71 -3.09 -4.87
CA ASP B 186 -11.20 -1.93 -4.08
C ASP B 186 -12.73 -1.87 -4.15
N LEU B 187 -13.34 -2.19 -5.31
CA LEU B 187 -14.81 -2.10 -5.51
C LEU B 187 -15.55 -3.14 -4.65
N ILE B 188 -14.87 -4.20 -4.20
CA ILE B 188 -15.48 -5.26 -3.34
C ILE B 188 -16.02 -4.62 -2.06
N GLU B 189 -15.29 -3.64 -1.51
CA GLU B 189 -15.67 -2.93 -0.26
C GLU B 189 -17.07 -2.30 -0.45
N LEU B 190 -17.32 -1.71 -1.62
CA LEU B 190 -18.59 -0.99 -1.94
C LEU B 190 -19.68 -2.01 -2.28
N ALA B 191 -19.36 -3.00 -3.12
CA ALA B 191 -20.27 -4.11 -3.48
C ALA B 191 -20.84 -4.74 -2.20
N GLU B 192 -19.97 -4.99 -1.23
CA GLU B 192 -20.26 -5.78 0.01
C GLU B 192 -20.67 -4.83 1.15
N GLN B 193 -20.55 -3.52 0.95
CA GLN B 193 -20.92 -2.44 1.92
C GLN B 193 -20.26 -2.72 3.27
N ILE B 194 -18.93 -2.88 3.27
CA ILE B 194 -18.11 -3.14 4.48
C ILE B 194 -17.14 -1.97 4.66
N GLU B 195 -16.80 -1.68 5.93
CA GLU B 195 -15.80 -0.66 6.32
C GLU B 195 -14.73 -1.34 7.17
N LEU B 196 -13.65 -1.79 6.53
CA LEU B 196 -12.52 -2.47 7.22
C LEU B 196 -11.65 -1.40 7.87
N PRO B 197 -11.29 -1.55 9.16
CA PRO B 197 -10.36 -0.63 9.78
C PRO B 197 -8.99 -0.74 9.08
N PHE B 198 -8.24 0.36 9.07
CA PHE B 198 -6.89 0.50 8.46
C PHE B 198 -6.05 -0.76 8.75
N TYR B 199 -6.02 -1.24 10.00
CA TYR B 199 -5.08 -2.29 10.47
C TYR B 199 -5.42 -3.65 9.85
N ALA B 200 -6.71 -3.89 9.55
CA ALA B 200 -7.21 -5.12 8.89
C ALA B 200 -7.08 -4.98 7.37
N ARG B 201 -7.43 -3.82 6.82
CA ARG B 201 -7.42 -3.54 5.36
C ARG B 201 -6.01 -3.76 4.79
N HIS B 202 -4.97 -3.36 5.52
CA HIS B 202 -3.55 -3.38 5.08
C HIS B 202 -2.76 -4.50 5.77
N HIS B 203 -3.42 -5.41 6.49
CA HIS B 203 -2.75 -6.53 7.20
C HIS B 203 -1.95 -7.36 6.19
N SER B 204 -0.76 -7.84 6.57
CA SER B 204 0.17 -8.57 5.67
C SER B 204 -0.53 -9.78 5.05
N ILE B 205 -1.36 -10.50 5.81
CA ILE B 205 -2.08 -11.71 5.33
C ILE B 205 -3.12 -11.29 4.28
N VAL B 206 -3.80 -10.16 4.49
CA VAL B 206 -4.80 -9.61 3.52
C VAL B 206 -4.08 -9.21 2.24
N GLN B 207 -2.91 -8.56 2.36
CA GLN B 207 -2.07 -8.15 1.21
C GLN B 207 -1.66 -9.39 0.41
N GLN B 208 -1.27 -10.46 1.10
CA GLN B 208 -0.77 -11.72 0.48
C GLN B 208 -1.94 -12.46 -0.19
N LEU B 209 -3.14 -12.43 0.41
CA LEU B 209 -4.37 -12.99 -0.20
C LEU B 209 -4.70 -12.21 -1.49
N GLU B 210 -4.63 -10.89 -1.45
CA GLU B 210 -4.87 -10.01 -2.62
C GLU B 210 -3.84 -10.31 -3.72
N GLN B 211 -2.57 -10.45 -3.34
CA GLN B 211 -1.46 -10.73 -4.30
C GLN B 211 -1.70 -12.09 -4.98
N ALA B 212 -2.05 -13.12 -4.19
CA ALA B 212 -2.31 -14.49 -4.69
C ALA B 212 -3.50 -14.46 -5.67
N ALA B 213 -4.60 -13.80 -5.29
CA ALA B 213 -5.83 -13.71 -6.10
C ALA B 213 -5.55 -12.96 -7.41
N ASN B 214 -4.77 -11.87 -7.33
CA ASN B 214 -4.34 -11.06 -8.49
C ASN B 214 -3.50 -11.94 -9.43
N ASN B 215 -2.48 -12.62 -8.89
CA ASN B 215 -1.60 -13.56 -9.66
C ASN B 215 -2.48 -14.62 -10.36
N ILE B 216 -3.43 -15.22 -9.64
CA ILE B 216 -4.32 -16.30 -10.17
C ILE B 216 -5.12 -15.76 -11.36
N ILE B 217 -5.75 -14.60 -11.19
CA ILE B 217 -6.63 -13.98 -12.22
C ILE B 217 -5.78 -13.65 -13.46
N CYS B 218 -4.62 -13.04 -13.25
CA CYS B 218 -3.71 -12.60 -14.34
C CYS B 218 -3.16 -13.82 -15.10
N TRP B 219 -2.68 -14.82 -14.36
CA TRP B 219 -2.04 -16.03 -14.96
C TRP B 219 -3.10 -16.90 -15.64
N CYS B 220 -4.31 -16.96 -15.09
CA CYS B 220 -5.47 -17.62 -15.76
C CYS B 220 -5.74 -16.91 -17.09
N ASN B 221 -5.81 -15.57 -17.07
CA ASN B 221 -6.01 -14.74 -18.29
C ASN B 221 -4.86 -15.03 -19.28
N ASP B 222 -3.62 -15.06 -18.80
CA ASP B 222 -2.41 -15.26 -19.64
C ASP B 222 -2.54 -16.57 -20.43
N VAL B 223 -2.98 -17.66 -19.79
CA VAL B 223 -3.16 -18.99 -20.42
C VAL B 223 -4.26 -18.92 -21.48
N LEU B 224 -5.34 -18.18 -21.21
CA LEU B 224 -6.53 -18.10 -22.11
C LEU B 224 -6.31 -17.07 -23.23
N SER B 225 -5.37 -16.12 -23.06
CA SER B 225 -5.23 -14.95 -23.97
C SER B 225 -3.90 -14.95 -24.74
N TYR B 226 -3.01 -15.95 -24.57
CA TYR B 226 -1.71 -16.00 -25.27
C TYR B 226 -1.91 -16.09 -26.78
N PRO B 227 -2.95 -16.79 -27.31
CA PRO B 227 -3.15 -16.83 -28.76
C PRO B 227 -3.31 -15.43 -29.36
N LYS B 228 -4.28 -14.65 -28.88
CA LYS B 228 -4.61 -13.31 -29.45
C LYS B 228 -3.44 -12.35 -29.22
N GLU B 229 -2.66 -12.54 -28.15
CA GLU B 229 -1.51 -11.65 -27.79
C GLU B 229 -0.31 -11.96 -28.68
N MET B 230 -0.08 -13.22 -29.06
CA MET B 230 0.95 -13.61 -30.05
C MET B 230 0.64 -12.98 -31.41
N GLN B 231 -0.64 -12.99 -31.81
CA GLN B 231 -1.12 -12.45 -33.12
C GLN B 231 -0.82 -10.95 -33.23
N HIS B 232 -0.83 -10.22 -32.10
CA HIS B 232 -0.54 -8.77 -32.04
C HIS B 232 0.93 -8.51 -31.67
N GLY B 233 1.72 -9.57 -31.52
CA GLY B 233 3.17 -9.51 -31.21
C GLY B 233 3.45 -8.90 -29.84
N ASP B 234 2.57 -9.16 -28.86
CA ASP B 234 2.72 -8.65 -27.46
C ASP B 234 3.17 -9.82 -26.58
N ARG B 235 4.24 -9.63 -25.80
CA ARG B 235 4.93 -10.69 -25.03
C ARG B 235 4.65 -10.55 -23.52
N HIS B 236 3.76 -9.62 -23.13
CA HIS B 236 3.32 -9.43 -21.71
C HIS B 236 2.31 -10.52 -21.35
N ASN B 237 2.83 -11.72 -21.10
CA ASN B 237 2.06 -12.97 -20.92
C ASN B 237 2.98 -14.01 -20.26
N LEU B 238 2.57 -14.58 -19.13
CA LEU B 238 3.40 -15.54 -18.34
C LEU B 238 3.91 -16.65 -19.28
N VAL B 239 3.04 -17.20 -20.12
CA VAL B 239 3.36 -18.32 -21.06
C VAL B 239 4.53 -17.87 -21.94
N LEU B 240 4.40 -16.70 -22.57
CA LEU B 240 5.36 -16.18 -23.59
C LEU B 240 6.66 -15.76 -22.88
N VAL B 241 6.58 -15.19 -21.67
CA VAL B 241 7.77 -14.76 -20.87
C VAL B 241 8.54 -16.01 -20.41
N ILE B 242 7.83 -17.06 -19.99
CA ILE B 242 8.43 -18.36 -19.57
C ILE B 242 9.16 -18.97 -20.78
N GLN B 243 8.53 -18.97 -21.95
CA GLN B 243 9.08 -19.55 -23.21
C GLN B 243 10.41 -18.86 -23.56
N GLY B 244 10.46 -17.53 -23.44
CA GLY B 244 11.66 -16.72 -23.73
C GLY B 244 12.76 -16.95 -22.72
N GLU B 245 12.43 -17.07 -21.43
CA GLU B 245 13.41 -17.21 -20.32
C GLU B 245 14.04 -18.60 -20.34
N HIS B 246 13.22 -19.65 -20.53
CA HIS B 246 13.63 -21.08 -20.45
C HIS B 246 14.04 -21.62 -21.82
N GLN B 247 13.70 -20.92 -22.91
CA GLN B 247 13.93 -21.36 -24.31
C GLN B 247 13.33 -22.75 -24.51
N CYS B 248 12.07 -22.93 -24.07
CA CYS B 248 11.32 -24.22 -24.13
C CYS B 248 10.26 -24.13 -25.23
N SER B 249 9.55 -25.25 -25.47
CA SER B 249 8.41 -25.35 -26.41
C SER B 249 7.20 -24.62 -25.81
N LEU B 250 6.21 -24.28 -26.64
CA LEU B 250 4.98 -23.57 -26.22
C LEU B 250 4.16 -24.47 -25.29
N PRO B 251 3.99 -25.78 -25.59
CA PRO B 251 3.32 -26.70 -24.65
C PRO B 251 3.97 -26.74 -23.25
N GLU B 252 5.30 -26.69 -23.18
CA GLU B 252 6.07 -26.73 -21.91
C GLU B 252 5.83 -25.42 -21.14
N ALA B 253 5.82 -24.28 -21.84
CA ALA B 253 5.58 -22.93 -21.29
C ALA B 253 4.17 -22.88 -20.67
N ILE B 254 3.17 -23.42 -21.38
CA ILE B 254 1.75 -23.49 -20.91
C ILE B 254 1.68 -24.36 -19.66
N ASP B 255 2.36 -25.52 -19.67
CA ASP B 255 2.41 -26.48 -18.53
C ASP B 255 3.03 -25.80 -17.31
N ARG B 256 4.11 -25.04 -17.49
CA ARG B 256 4.83 -24.33 -16.40
C ARG B 256 3.94 -23.20 -15.84
N ALA B 257 3.24 -22.46 -16.71
CA ALA B 257 2.29 -21.39 -16.31
C ALA B 257 1.15 -22.01 -15.47
N LEU B 258 0.63 -23.16 -15.89
CA LEU B 258 -0.52 -23.84 -15.22
C LEU B 258 -0.09 -24.37 -13.85
N ASP B 259 1.18 -24.83 -13.72
CA ASP B 259 1.76 -25.29 -12.43
C ASP B 259 1.85 -24.09 -11.47
N LEU B 260 2.32 -22.94 -11.94
CA LEU B 260 2.41 -21.70 -11.12
C LEU B 260 1.00 -21.28 -10.69
N HIS B 261 0.02 -21.35 -11.60
CA HIS B 261 -1.40 -21.03 -11.33
C HIS B 261 -1.94 -21.94 -10.22
N ALA B 262 -1.75 -23.26 -10.34
CA ALA B 262 -2.20 -24.28 -9.37
C ALA B 262 -1.52 -24.04 -8.01
N ARG B 263 -0.23 -23.71 -8.02
CA ARG B 263 0.58 -23.45 -6.80
C ARG B 263 0.02 -22.20 -6.10
N GLU B 264 -0.38 -21.19 -6.87
CA GLU B 264 -0.88 -19.90 -6.34
C GLU B 264 -2.28 -20.12 -5.72
N VAL B 265 -3.09 -20.99 -6.32
CA VAL B 265 -4.43 -21.36 -5.78
C VAL B 265 -4.23 -22.00 -4.40
N ALA B 266 -3.30 -22.95 -4.28
CA ALA B 266 -2.95 -23.64 -3.01
C ALA B 266 -2.52 -22.61 -1.96
N THR B 267 -1.68 -21.64 -2.36
CA THR B 267 -1.19 -20.54 -1.48
C THR B 267 -2.39 -19.72 -0.98
N PHE B 268 -3.31 -19.35 -1.87
CA PHE B 268 -4.48 -18.51 -1.54
C PHE B 268 -5.32 -19.21 -0.47
N VAL B 269 -5.70 -20.48 -0.70
CA VAL B 269 -6.59 -21.23 0.25
C VAL B 269 -5.85 -21.48 1.56
N ARG B 270 -4.52 -21.65 1.54
CA ARG B 270 -3.71 -21.83 2.78
CA ARG B 270 -3.69 -21.82 2.77
C ARG B 270 -3.76 -20.53 3.60
N LYS B 271 -3.49 -19.39 2.97
CA LYS B 271 -3.38 -18.08 3.68
C LYS B 271 -4.77 -17.64 4.21
N ARG B 272 -5.86 -18.15 3.64
CA ARG B 272 -7.23 -17.91 4.17
C ARG B 272 -7.35 -18.41 5.61
N THR B 273 -6.64 -19.49 5.95
CA THR B 273 -6.68 -20.14 7.30
C THR B 273 -5.68 -19.47 8.25
N CYS B 274 -4.95 -18.45 7.79
CA CYS B 274 -3.89 -17.73 8.56
C CYS B 274 -4.32 -16.31 8.90
N VAL B 275 -5.57 -15.94 8.61
CA VAL B 275 -6.13 -14.61 8.98
C VAL B 275 -6.26 -14.55 10.50
N PRO B 276 -5.64 -13.57 11.19
CA PRO B 276 -5.77 -13.47 12.64
C PRO B 276 -7.21 -13.14 13.08
N TYR B 277 -7.53 -13.42 14.35
CA TYR B 277 -8.80 -12.99 14.99
C TYR B 277 -8.57 -11.60 15.60
N PHE B 278 -9.22 -10.58 15.03
CA PHE B 278 -9.20 -9.18 15.51
C PHE B 278 -10.36 -8.99 16.49
N ASP B 279 -11.59 -8.98 15.98
CA ASP B 279 -12.86 -8.98 16.76
C ASP B 279 -13.99 -9.44 15.83
N ALA B 280 -15.19 -9.68 16.38
CA ALA B 280 -16.33 -10.31 15.69
C ALA B 280 -16.71 -9.50 14.44
N ALA B 281 -16.90 -8.19 14.58
CA ALA B 281 -17.36 -7.28 13.49
C ALA B 281 -16.29 -7.22 12.39
N VAL B 282 -15.03 -7.05 12.77
CA VAL B 282 -13.89 -6.89 11.81
C VAL B 282 -13.72 -8.18 11.00
N ASN B 283 -13.73 -9.35 11.68
CA ASN B 283 -13.51 -10.66 11.02
C ASN B 283 -14.72 -11.01 10.14
N THR B 284 -15.93 -10.60 10.53
CA THR B 284 -17.15 -10.76 9.69
C THR B 284 -16.97 -9.97 8.39
N ALA B 285 -16.56 -8.70 8.49
CA ALA B 285 -16.29 -7.82 7.33
C ALA B 285 -15.17 -8.41 6.47
N LEU B 286 -14.09 -8.90 7.12
CA LEU B 286 -12.89 -9.45 6.42
C LEU B 286 -13.27 -10.67 5.60
N GLU B 287 -14.06 -11.59 6.18
CA GLU B 287 -14.47 -12.84 5.50
C GLU B 287 -15.32 -12.49 4.27
N LYS B 288 -16.13 -11.43 4.35
CA LYS B 288 -16.90 -10.93 3.18
C LYS B 288 -15.92 -10.44 2.09
N TYR B 289 -14.85 -9.75 2.50
CA TYR B 289 -13.82 -9.22 1.55
C TYR B 289 -13.08 -10.39 0.88
N VAL B 290 -12.62 -11.34 1.68
CA VAL B 290 -11.83 -12.51 1.18
C VAL B 290 -12.73 -13.38 0.30
N THR B 291 -14.00 -13.56 0.66
CA THR B 291 -15.02 -14.24 -0.18
C THR B 291 -15.12 -13.50 -1.53
N GLY B 292 -15.09 -12.16 -1.48
CA GLY B 292 -15.06 -11.28 -2.66
C GLY B 292 -13.90 -11.60 -3.58
N LEU B 293 -12.71 -11.86 -3.02
CA LEU B 293 -11.51 -12.25 -3.80
C LEU B 293 -11.80 -13.58 -4.52
N GLN B 294 -12.45 -14.53 -3.84
CA GLN B 294 -12.82 -15.85 -4.42
C GLN B 294 -13.82 -15.64 -5.56
N PHE B 295 -14.86 -14.83 -5.34
CA PHE B 295 -15.87 -14.49 -6.39
C PHE B 295 -15.13 -13.98 -7.64
N TRP B 296 -14.12 -13.13 -7.46
CA TRP B 296 -13.36 -12.51 -8.60
C TRP B 296 -12.57 -13.59 -9.34
N ILE B 297 -11.84 -14.44 -8.61
CA ILE B 297 -11.05 -15.57 -9.18
C ILE B 297 -11.97 -16.39 -10.08
N CYS B 298 -13.14 -16.79 -9.56
CA CYS B 298 -14.15 -17.62 -10.27
C CYS B 298 -14.75 -16.83 -11.45
N ALA B 299 -15.13 -15.56 -11.22
CA ALA B 299 -15.75 -14.68 -12.24
C ALA B 299 -14.84 -14.62 -13.48
N ASN B 300 -13.55 -14.37 -13.27
CA ASN B 300 -12.55 -14.24 -14.37
C ASN B 300 -12.55 -15.51 -15.21
N ARG B 301 -12.44 -16.67 -14.57
CA ARG B 301 -12.35 -18.00 -15.22
C ARG B 301 -13.69 -18.32 -15.91
N ASP B 302 -14.80 -18.17 -15.20
CA ASP B 302 -16.16 -18.56 -15.67
C ASP B 302 -16.54 -17.72 -16.90
N TRP B 303 -16.34 -16.40 -16.83
CA TRP B 303 -16.65 -15.44 -17.92
C TRP B 303 -15.74 -15.68 -19.12
N SER B 304 -14.42 -15.85 -18.87
CA SER B 304 -13.38 -15.97 -19.94
C SER B 304 -13.62 -17.22 -20.79
N LEU B 305 -14.08 -18.31 -20.18
CA LEU B 305 -14.29 -19.62 -20.90
C LEU B 305 -15.51 -19.52 -21.84
N THR B 306 -16.44 -18.60 -21.59
CA THR B 306 -17.69 -18.43 -22.40
C THR B 306 -17.61 -17.16 -23.28
N ALA B 307 -16.51 -16.41 -23.20
CA ALA B 307 -16.33 -15.13 -23.94
C ALA B 307 -15.70 -15.39 -25.31
N THR B 308 -16.23 -14.74 -26.34
CA THR B 308 -15.71 -14.79 -27.73
C THR B 308 -14.35 -14.09 -27.79
N ARG B 309 -14.07 -13.21 -26.82
CA ARG B 309 -12.79 -12.44 -26.69
C ARG B 309 -11.59 -13.40 -26.80
N TYR B 310 -11.65 -14.59 -26.20
CA TYR B 310 -10.54 -15.57 -26.12
C TYR B 310 -10.83 -16.79 -27.00
N ALA B 311 -11.87 -16.74 -27.84
CA ALA B 311 -12.27 -17.85 -28.74
C ALA B 311 -11.23 -17.99 -29.86
MG MG C . 4.58 8.00 22.83
MG MG D . 6.61 3.56 23.14
MG MG E . 2.54 7.00 20.48
C1 3E9 F . 6.31 4.97 18.34
O1 3E9 F . 5.57 5.86 19.21
C2 3E9 F . 7.70 5.50 18.07
C3 3E9 F . 8.56 4.36 17.60
C4 3E9 F . 8.12 3.90 16.22
C5 3E9 F . 10.07 4.59 17.71
C6 3E9 F . 10.78 4.98 16.42
C7 3E9 F . 10.62 6.43 16.13
C8 3E9 F . 10.23 7.00 14.98
C10 3E9 F . 9.85 6.22 13.78
C9 3E9 F . 10.18 8.48 14.83
C11 3E9 F . 9.25 9.17 15.79
C12 3E9 F . 7.84 8.70 15.70
C13 3E9 F . 6.86 8.96 16.54
C14 3E9 F . 7.07 9.65 17.85
C15 3E9 F . 5.44 8.56 16.27
PA 3E9 F . 5.57 5.69 20.77
O1A 3E9 F . 4.52 6.61 21.17
O2A 3E9 F . 5.53 4.32 21.30
O3A 3E9 F . 6.97 6.32 21.13
PB 3E9 F . 7.57 6.66 22.53
O1B 3E9 F . 7.66 5.45 23.25
O2B 3E9 F . 6.64 7.57 23.08
O3B 3E9 F . 8.84 7.26 22.26
O6 BU3 G . -11.71 10.50 8.23
C3 BU3 G . -11.98 11.87 8.09
C4 BU3 G . -10.99 12.48 7.11
C2 BU3 G . -11.96 12.54 9.53
O5 BU3 G . -12.67 13.75 9.48
C1 BU3 G . -10.57 12.79 10.09
O6 BU3 H . 1.67 -1.91 3.95
C3 BU3 H . 2.88 -1.80 3.23
C4 BU3 H . 3.90 -2.81 3.74
C2 BU3 H . 3.39 -0.29 3.34
O5 BU3 H . 2.39 0.57 2.85
C1 BU3 H . 4.71 -0.05 2.63
O6 BU3 I . -4.80 0.86 27.29
C3 BU3 I . -5.99 1.43 26.79
C4 BU3 I . -5.70 2.10 25.46
C2 BU3 I . -6.61 2.44 27.85
O5 BU3 I . -5.72 3.53 28.06
C1 BU3 I . -6.94 1.77 29.19
O6 BU3 J . 0.25 -4.01 -2.63
C3 BU3 J . -0.99 -4.33 -2.04
C4 BU3 J . -1.14 -5.85 -1.88
C2 BU3 J . -2.14 -3.66 -2.91
O5 BU3 J . -1.88 -2.29 -3.05
C1 BU3 J . -3.54 -3.88 -2.34
C1 EDO K . 19.17 18.18 -4.57
O1 EDO K . 20.26 18.17 -3.68
C2 EDO K . 18.86 16.85 -5.15
O2 EDO K . 20.00 16.22 -5.71
C1 EDO L . -3.94 -17.44 27.55
O1 EDO L . -2.83 -18.27 27.81
C2 EDO L . -3.84 -16.71 26.26
O2 EDO L . -5.11 -16.39 25.71
C1 GOL M . 6.44 -15.09 -0.29
O1 GOL M . 6.97 -14.72 0.98
C2 GOL M . 5.68 -13.96 -0.94
O2 GOL M . 4.35 -13.90 -0.41
C3 GOL M . 5.63 -14.07 -2.46
O3 GOL M . 6.76 -13.46 -3.06
MG MG N . -5.33 -7.07 -23.44
MG MG O . -4.24 -11.33 -21.61
MG MG P . -3.25 -5.42 -21.28
C1 3E9 Q . -5.34 -8.10 -18.00
O1 3E9 Q . -5.15 -7.44 -19.28
C2 3E9 Q . -6.79 -8.37 -17.78
C3 3E9 Q . -6.96 -9.47 -16.79
C4 3E9 Q . -6.55 -9.01 -15.41
C5 3E9 Q . -8.34 -10.10 -16.83
C6 3E9 Q . -9.28 -9.72 -15.73
C7 3E9 Q . -10.15 -8.56 -16.07
C8 3E9 Q . -10.33 -7.45 -15.38
C10 3E9 Q . -9.59 -7.15 -14.12
C9 3E9 Q . -11.32 -6.40 -15.81
C11 3E9 Q . -10.89 -5.68 -17.07
C12 3E9 Q . -9.46 -5.26 -17.04
C13 3E9 Q . -8.69 -4.86 -18.04
C14 3E9 Q . -9.05 -5.10 -19.47
C15 3E9 Q . -7.40 -4.14 -17.83
PA 3E9 Q . -4.89 -8.27 -20.60
O1A 3E9 Q . -4.44 -7.17 -21.47
O2A 3E9 Q . -4.01 -9.43 -20.47
O3A 3E9 Q . -6.36 -8.75 -20.98
PB 3E9 Q . -6.90 -9.53 -22.25
O1B 3E9 Q . -6.17 -10.76 -22.29
O2B 3E9 Q . -6.59 -8.65 -23.34
O3B 3E9 Q . -8.31 -9.69 -22.03
O6 BU3 R . 2.62 10.20 -16.49
C3 BU3 R . 3.42 11.35 -16.32
C4 BU3 R . 4.81 11.10 -16.89
C2 BU3 R . 3.46 11.80 -14.80
O5 BU3 R . 4.23 10.90 -14.04
C1 BU3 R . 2.07 11.91 -14.18
C1 EDO S . -9.93 -21.65 2.08
O1 EDO S . -9.31 -22.72 2.77
C2 EDO S . -10.79 -22.10 0.96
O2 EDO S . -11.35 -21.04 0.21
C1 EDO T . 6.31 -16.13 5.12
O1 EDO T . 7.59 -16.73 5.04
C2 EDO T . 5.66 -15.93 3.79
O2 EDO T . 4.39 -15.31 3.86
C1 EDO U . 3.45 -8.67 0.94
O1 EDO U . 3.40 -10.01 0.49
C2 EDO U . 2.34 -8.31 1.86
O2 EDO U . 2.66 -8.41 3.25
#